data_9GSC
#
_entry.id   9GSC
#
_cell.length_a   70.400
_cell.length_b   108.311
_cell.length_c   153.266
_cell.angle_alpha   90.000
_cell.angle_beta   90.000
_cell.angle_gamma   90.000
#
_symmetry.space_group_name_H-M   'P 21 21 21'
#
loop_
_entity.id
_entity.type
_entity.pdbx_description
1 polymer 'dTDP-4-dehydrorhamnose reductase, putative'
2 water water
#
_entity_poly.entity_id   1
_entity_poly.type   'polypeptide(L)'
_entity_poly.pdbx_seq_one_letter_code
;PMKTILVTGGSGFLGRRLVSHLSKNYTVVAPTHGELDLTDREKIISEVTKINPQIIIHTAAISNTGLCEQNPELSESINL
NGTKYLAEAASKINSKLIFCSSDQIYNGNAEKGPLSEDIDVHPVNVYGKHKLEAERKLQEILPTSVSLRLTWMYDHPSSK
IPQHKNLPIMLLEAKEKNVPFVTTVNEYRAITFVGEVVENIEKTFELPGGVYNYGASNTSNSYETYKEIAKIMDVPENLV
ENDTNRFKAQARNISMNIQKIEKHGIHFSNTVDGFSKMYKSFSNSE
;
_entity_poly.pdbx_strand_id   A,B,C,D
#
# COMPACT_ATOMS: atom_id res chain seq x y z
N MET A 2 6.72 -7.12 33.96
CA MET A 2 7.06 -7.79 32.72
C MET A 2 7.93 -6.95 31.80
N LYS A 3 9.09 -7.51 31.44
CA LYS A 3 10.04 -6.79 30.61
C LYS A 3 9.49 -6.61 29.19
N THR A 4 9.77 -5.44 28.61
CA THR A 4 9.22 -5.06 27.31
C THR A 4 10.31 -5.24 26.26
N ILE A 5 9.96 -5.85 25.14
CA ILE A 5 10.92 -6.18 24.09
C ILE A 5 10.45 -5.60 22.76
N LEU A 6 11.37 -4.97 22.04
CA LEU A 6 11.12 -4.44 20.70
C LEU A 6 11.71 -5.39 19.67
N VAL A 7 10.88 -5.85 18.73
CA VAL A 7 11.30 -6.72 17.65
C VAL A 7 11.07 -5.98 16.34
N THR A 8 12.16 -5.76 15.59
CA THR A 8 12.05 -5.15 14.26
C THR A 8 11.76 -6.22 13.23
N GLY A 9 10.97 -5.86 12.22
CA GLY A 9 10.58 -6.81 11.19
C GLY A 9 9.75 -7.95 11.73
N GLY A 10 8.75 -7.63 12.55
CA GLY A 10 7.88 -8.63 13.13
C GLY A 10 7.05 -9.41 12.13
N SER A 11 7.01 -8.97 10.87
CA SER A 11 6.29 -9.68 9.83
C SER A 11 7.17 -10.64 9.04
N GLY A 12 8.48 -10.61 9.26
CA GLY A 12 9.39 -11.50 8.56
C GLY A 12 9.35 -12.92 9.11
N PHE A 13 10.14 -13.78 8.47
CA PHE A 13 10.21 -15.19 8.87
C PHE A 13 10.53 -15.33 10.35
N LEU A 14 11.68 -14.82 10.77
CA LEU A 14 12.10 -14.96 12.17
C LEU A 14 11.35 -14.00 13.09
N GLY A 15 10.88 -12.87 12.58
CA GLY A 15 10.21 -11.90 13.44
C GLY A 15 8.90 -12.40 14.00
N ARG A 16 8.01 -12.88 13.14
CA ARG A 16 6.70 -13.37 13.61
C ARG A 16 6.86 -14.51 14.60
N ARG A 17 7.81 -15.43 14.35
CA ARG A 17 8.03 -16.52 15.28
C ARG A 17 8.51 -16.00 16.63
N LEU A 18 9.40 -15.01 16.61
CA LEU A 18 9.93 -14.45 17.86
C LEU A 18 8.84 -13.75 18.65
N VAL A 19 8.04 -12.91 17.97
CA VAL A 19 6.98 -12.18 18.65
C VAL A 19 5.97 -13.16 19.23
N SER A 20 5.57 -14.14 18.43
CA SER A 20 4.58 -15.12 18.87
C SER A 20 5.12 -16.02 19.97
N HIS A 21 6.44 -16.18 20.07
CA HIS A 21 7.05 -16.92 21.16
C HIS A 21 7.30 -16.04 22.38
N LEU A 22 7.80 -14.82 22.17
CA LEU A 22 8.08 -13.93 23.27
C LEU A 22 6.80 -13.34 23.86
N SER A 23 5.68 -13.44 23.14
CA SER A 23 4.41 -12.92 23.65
C SER A 23 3.89 -13.70 24.84
N LYS A 24 4.55 -14.78 25.24
CA LYS A 24 4.04 -15.60 26.34
C LYS A 24 4.36 -14.96 27.68
N ASN A 25 5.64 -14.77 27.94
CA ASN A 25 6.16 -14.16 29.17
C ASN A 25 6.77 -12.77 28.97
N TYR A 26 6.41 -12.05 27.90
CA TYR A 26 6.94 -10.71 27.69
C TYR A 26 5.87 -9.79 27.10
N THR A 27 6.14 -8.49 27.15
CA THR A 27 5.37 -7.48 26.43
C THR A 27 6.13 -7.15 25.16
N VAL A 28 5.65 -7.66 24.02
CA VAL A 28 6.35 -7.52 22.74
C VAL A 28 5.71 -6.41 21.92
N VAL A 29 6.55 -5.47 21.48
CA VAL A 29 6.13 -4.38 20.60
C VAL A 29 6.78 -4.60 19.23
N ALA A 30 5.98 -4.91 18.22
CA ALA A 30 6.47 -5.23 16.87
C ALA A 30 5.96 -4.19 15.88
N PRO A 31 6.62 -3.02 15.81
CA PRO A 31 6.19 -2.00 14.84
C PRO A 31 6.39 -2.48 13.41
N THR A 32 5.61 -1.89 12.50
CA THR A 32 5.72 -2.17 11.08
C THR A 32 6.82 -1.33 10.44
N HIS A 33 7.02 -1.55 9.14
CA HIS A 33 7.77 -0.62 8.31
C HIS A 33 7.19 0.78 8.32
N GLY A 34 5.87 0.90 8.20
CA GLY A 34 5.26 2.23 8.29
C GLY A 34 5.41 2.84 9.69
N GLU A 35 5.09 2.04 10.71
CA GLU A 35 5.03 2.57 12.07
C GLU A 35 6.41 2.89 12.64
N LEU A 36 7.44 2.18 12.18
CA LEU A 36 8.82 2.49 12.57
C LEU A 36 9.69 2.35 11.33
N ASP A 37 10.10 3.47 10.77
CA ASP A 37 10.90 3.51 9.55
C ASP A 37 12.31 3.95 9.94
N LEU A 38 13.29 3.06 9.74
CA LEU A 38 14.65 3.24 10.22
C LEU A 38 15.50 4.14 9.35
N THR A 39 14.91 4.82 8.36
CA THR A 39 15.64 5.78 7.55
C THR A 39 15.56 7.19 8.11
N ASP A 40 14.75 7.39 9.16
CA ASP A 40 14.55 8.67 9.82
C ASP A 40 15.28 8.59 11.16
N ARG A 41 16.37 9.37 11.31
CA ARG A 41 17.14 9.29 12.54
C ARG A 41 16.31 9.56 13.76
N GLU A 42 15.54 10.65 13.72
CA GLU A 42 14.95 11.14 14.95
C GLU A 42 13.66 10.41 15.28
N LYS A 43 12.94 9.93 14.27
CA LYS A 43 11.76 9.12 14.55
C LYS A 43 12.17 7.85 15.29
N ILE A 44 13.27 7.23 14.87
CA ILE A 44 13.81 6.07 15.58
C ILE A 44 14.07 6.42 17.03
N ILE A 45 14.68 7.59 17.29
CA ILE A 45 14.98 8.00 18.66
C ILE A 45 13.69 8.10 19.46
N SER A 46 12.68 8.74 18.89
CA SER A 46 11.43 8.99 19.61
C SER A 46 10.73 7.68 19.99
N GLU A 47 10.48 6.80 19.02
CA GLU A 47 9.77 5.57 19.34
C GLU A 47 10.54 4.74 20.36
N VAL A 48 11.83 4.52 20.12
CA VAL A 48 12.64 3.76 21.07
C VAL A 48 12.65 4.47 22.43
N THR A 49 12.63 5.81 22.41
CA THR A 49 12.55 6.57 23.66
C THR A 49 11.17 6.43 24.29
N LYS A 50 10.11 6.51 23.47
CA LYS A 50 8.76 6.35 24.00
C LYS A 50 8.47 4.90 24.40
N ILE A 51 8.75 3.94 23.51
CA ILE A 51 8.51 2.54 23.83
C ILE A 51 9.30 2.11 25.07
N ASN A 52 10.57 2.49 25.16
CA ASN A 52 11.45 2.06 26.24
C ASN A 52 11.50 0.53 26.31
N PRO A 53 11.97 -0.15 25.26
CA PRO A 53 12.16 -1.60 25.37
C PRO A 53 13.38 -1.89 26.23
N GLN A 54 13.25 -2.84 27.17
CA GLN A 54 14.46 -3.23 27.88
C GLN A 54 15.36 -4.07 26.99
N ILE A 55 14.80 -4.72 25.97
CA ILE A 55 15.56 -5.53 25.03
C ILE A 55 15.07 -5.20 23.62
N ILE A 56 16.01 -5.11 22.68
CA ILE A 56 15.71 -4.85 21.27
C ILE A 56 16.22 -6.02 20.43
N ILE A 57 15.31 -6.66 19.72
CA ILE A 57 15.65 -7.72 18.76
C ILE A 57 15.60 -7.12 17.36
N HIS A 58 16.74 -7.11 16.67
CA HIS A 58 16.83 -6.55 15.33
C HIS A 58 16.92 -7.72 14.35
N THR A 59 15.89 -7.87 13.51
CA THR A 59 15.82 -8.94 12.53
C THR A 59 15.72 -8.46 11.09
N ALA A 60 15.31 -7.22 10.85
CA ALA A 60 15.18 -6.71 9.50
C ALA A 60 16.55 -6.61 8.81
N ALA A 61 16.50 -6.40 7.51
CA ALA A 61 17.71 -6.32 6.69
C ALA A 61 17.62 -5.12 5.74
N LEU A 80 24.14 0.21 7.98
CA LEU A 80 23.96 1.25 6.98
C LEU A 80 23.30 2.32 7.83
N ASN A 81 22.37 3.10 7.31
CA ASN A 81 21.61 3.97 8.22
C ASN A 81 20.63 3.35 9.18
N GLY A 82 19.86 2.33 8.81
CA GLY A 82 18.89 1.88 9.78
C GLY A 82 19.52 1.38 11.08
N THR A 83 20.56 0.59 10.94
CA THR A 83 21.23 0.03 12.11
C THR A 83 21.92 1.09 12.94
N LYS A 84 22.64 2.03 12.30
CA LYS A 84 23.33 3.07 13.05
C LYS A 84 22.35 3.89 13.89
N TYR A 85 21.20 4.22 13.31
CA TYR A 85 20.25 5.04 14.04
C TYR A 85 19.55 4.25 15.14
N LEU A 86 19.12 3.02 14.85
CA LEU A 86 18.49 2.20 15.87
C LEU A 86 19.45 1.92 17.02
N ALA A 87 20.73 1.69 16.69
CA ALA A 87 21.72 1.40 17.72
C ALA A 87 21.93 2.59 18.65
N GLU A 88 22.00 3.81 18.10
CA GLU A 88 22.14 4.99 18.94
C GLU A 88 20.91 5.20 19.82
N ALA A 89 19.72 4.93 19.28
CA ALA A 89 18.50 5.04 20.08
C ALA A 89 18.55 4.11 21.28
N ALA A 90 18.92 2.86 21.05
CA ALA A 90 19.11 1.94 22.17
C ALA A 90 20.17 2.47 23.12
N SER A 91 21.19 3.17 22.59
CA SER A 91 22.27 3.63 23.44
C SER A 91 21.89 4.70 24.47
N LYS A 92 20.86 5.56 24.22
CA LYS A 92 20.52 6.56 25.23
C LYS A 92 19.72 5.97 26.37
N ILE A 93 19.08 4.82 26.16
CA ILE A 93 18.20 4.27 27.19
C ILE A 93 18.84 3.09 27.89
N ASN A 94 20.11 2.81 27.60
CA ASN A 94 20.82 1.67 28.18
C ASN A 94 20.04 0.39 27.91
N SER A 95 19.73 0.17 26.64
CA SER A 95 18.96 -0.98 26.20
C SER A 95 19.89 -2.09 25.72
N LYS A 96 19.36 -3.31 25.75
CA LYS A 96 20.09 -4.50 25.33
C LYS A 96 19.61 -4.86 23.93
N LEU A 97 20.50 -4.74 22.95
CA LEU A 97 20.14 -4.98 21.55
C LEU A 97 20.70 -6.31 21.07
N ILE A 98 19.83 -7.15 20.52
CA ILE A 98 20.19 -8.41 19.90
C ILE A 98 20.09 -8.22 18.39
N PHE A 99 21.23 -8.20 17.72
CA PHE A 99 21.27 -8.03 16.28
C PHE A 99 21.38 -9.40 15.62
N CYS A 100 20.56 -9.63 14.60
CA CYS A 100 20.57 -10.88 13.86
C CYS A 100 21.61 -10.73 12.75
N SER A 101 22.76 -11.38 12.93
CA SER A 101 23.81 -11.33 11.93
C SER A 101 23.70 -12.54 11.03
N SER A 102 24.81 -12.99 10.45
CA SER A 102 24.73 -14.10 9.52
C SER A 102 26.03 -14.90 9.52
N ASP A 103 25.91 -16.18 9.17
CA ASP A 103 27.08 -16.99 8.89
C ASP A 103 27.75 -16.59 7.58
N GLN A 104 27.08 -15.77 6.77
CA GLN A 104 27.62 -15.31 5.50
C GLN A 104 28.81 -14.39 5.67
N ILE A 105 29.14 -13.99 6.91
CA ILE A 105 30.32 -13.19 7.14
C ILE A 105 31.58 -14.00 6.88
N TYR A 106 31.47 -15.32 6.92
CA TYR A 106 32.61 -16.23 6.75
C TYR A 106 32.83 -16.66 5.31
N ASN A 107 32.04 -16.18 4.35
CA ASN A 107 32.11 -16.73 3.00
C ASN A 107 33.41 -16.43 2.27
N GLY A 108 34.23 -15.51 2.79
CA GLY A 108 35.52 -15.23 2.21
C GLY A 108 36.69 -15.90 2.90
N ASN A 109 36.43 -16.82 3.83
CA ASN A 109 37.48 -17.51 4.57
C ASN A 109 37.92 -18.76 3.83
N ALA A 110 39.23 -18.97 3.73
CA ALA A 110 39.82 -20.12 3.05
C ALA A 110 40.19 -21.28 3.98
N GLU A 111 39.93 -21.15 5.28
CA GLU A 111 40.25 -22.21 6.23
C GLU A 111 39.25 -23.37 6.13
N LYS A 112 39.48 -24.40 6.95
CA LYS A 112 38.69 -25.61 6.95
C LYS A 112 38.13 -25.86 8.34
N GLY A 113 36.89 -26.36 8.37
CA GLY A 113 36.24 -26.69 9.62
C GLY A 113 35.33 -25.60 10.16
N PRO A 114 34.68 -25.89 11.29
CA PRO A 114 33.85 -24.88 11.96
C PRO A 114 34.70 -23.67 12.34
N LEU A 115 34.20 -22.50 12.00
CA LEU A 115 34.97 -21.28 12.21
C LEU A 115 34.60 -20.67 13.55
N SER A 116 35.56 -20.00 14.18
CA SER A 116 35.33 -19.34 15.46
C SER A 116 35.11 -17.85 15.25
N GLU A 117 34.52 -17.21 16.27
CA GLU A 117 34.14 -15.81 16.15
C GLU A 117 35.33 -14.85 16.14
N ASP A 118 36.53 -15.30 16.52
CA ASP A 118 37.68 -14.43 16.56
C ASP A 118 38.54 -14.53 15.32
N ILE A 119 38.17 -15.39 14.36
CA ILE A 119 38.91 -15.48 13.12
C ILE A 119 38.62 -14.24 12.27
N ASP A 120 39.62 -13.78 11.54
CA ASP A 120 39.43 -12.67 10.60
C ASP A 120 38.61 -13.09 9.39
N VAL A 121 37.59 -12.31 9.07
CA VAL A 121 36.63 -12.62 8.02
C VAL A 121 36.63 -11.49 6.99
N HIS A 122 36.48 -11.86 5.72
CA HIS A 122 36.49 -10.91 4.60
C HIS A 122 35.41 -11.32 3.62
N PRO A 123 34.15 -10.97 3.90
CA PRO A 123 33.05 -11.39 3.03
C PRO A 123 33.21 -10.97 1.58
N VAL A 124 32.84 -11.87 0.68
CA VAL A 124 33.03 -11.66 -0.75
C VAL A 124 31.82 -11.01 -1.44
N ASN A 125 30.64 -11.08 -0.83
CA ASN A 125 29.43 -10.57 -1.46
C ASN A 125 28.83 -9.44 -0.61
N VAL A 126 27.77 -8.82 -1.14
CA VAL A 126 27.14 -7.69 -0.46
C VAL A 126 26.62 -8.11 0.91
N TYR A 127 25.94 -9.26 0.98
CA TYR A 127 25.27 -9.67 2.21
C TYR A 127 26.26 -9.83 3.35
N GLY A 128 27.36 -10.54 3.11
CA GLY A 128 28.34 -10.75 4.17
C GLY A 128 29.00 -9.46 4.63
N LYS A 129 29.37 -8.59 3.70
CA LYS A 129 30.00 -7.33 4.08
C LYS A 129 29.05 -6.44 4.88
N HIS A 130 27.75 -6.47 4.56
CA HIS A 130 26.83 -5.55 5.22
C HIS A 130 26.51 -6.02 6.64
N LYS A 131 26.44 -7.33 6.85
CA LYS A 131 26.18 -7.84 8.19
C LYS A 131 27.39 -7.61 9.08
N LEU A 132 28.58 -7.91 8.57
CA LEU A 132 29.79 -7.65 9.34
C LEU A 132 29.97 -6.17 9.66
N GLU A 133 29.68 -5.29 8.69
CA GLU A 133 29.85 -3.87 8.94
C GLU A 133 28.77 -3.32 9.85
N ALA A 134 27.55 -3.86 9.78
CA ALA A 134 26.52 -3.45 10.73
C ALA A 134 26.87 -3.89 12.15
N GLU A 135 27.35 -5.13 12.31
CA GLU A 135 27.76 -5.60 13.63
C GLU A 135 28.95 -4.80 14.15
N ARG A 136 29.90 -4.45 13.27
CA ARG A 136 31.09 -3.75 13.74
C ARG A 136 30.74 -2.35 14.21
N LYS A 137 29.80 -1.68 13.54
CA LYS A 137 29.32 -0.38 14.02
C LYS A 137 28.52 -0.55 15.30
N LEU A 138 27.87 -1.69 15.49
CA LEU A 138 27.13 -1.95 16.72
C LEU A 138 28.07 -2.06 17.91
N GLN A 139 29.19 -2.78 17.74
CA GLN A 139 30.16 -2.88 18.82
C GLN A 139 30.72 -1.52 19.18
N GLU A 140 30.85 -0.63 18.19
CA GLU A 140 31.34 0.73 18.46
C GLU A 140 30.36 1.52 19.31
N ILE A 141 29.09 1.56 18.92
CA ILE A 141 28.14 2.45 19.58
C ILE A 141 27.79 1.95 20.97
N LEU A 142 27.44 0.67 21.08
CA LEU A 142 26.96 0.08 22.33
C LEU A 142 27.62 -1.27 22.52
N PRO A 143 28.77 -1.30 23.19
CA PRO A 143 29.49 -2.57 23.36
C PRO A 143 28.67 -3.68 24.00
N THR A 144 27.58 -3.34 24.69
CA THR A 144 26.77 -4.35 25.39
C THR A 144 25.92 -5.18 24.44
N SER A 145 25.70 -4.70 23.22
CA SER A 145 24.86 -5.37 22.24
C SER A 145 25.46 -6.70 21.77
N VAL A 146 24.58 -7.67 21.51
CA VAL A 146 24.93 -9.04 21.16
C VAL A 146 24.61 -9.33 19.70
N SER A 147 25.61 -9.77 18.93
CA SER A 147 25.44 -10.13 17.53
C SER A 147 25.36 -11.65 17.38
N LEU A 148 24.23 -12.15 16.87
CA LEU A 148 24.04 -13.57 16.61
C LEU A 148 24.24 -13.87 15.13
N ARG A 149 25.24 -14.68 14.81
CA ARG A 149 25.50 -15.05 13.42
C ARG A 149 24.61 -16.24 13.08
N LEU A 150 23.49 -15.96 12.41
CA LEU A 150 22.47 -16.94 12.08
C LEU A 150 22.82 -17.72 10.82
N THR A 151 22.14 -18.85 10.63
CA THR A 151 22.29 -19.68 9.46
C THR A 151 21.07 -19.51 8.55
N TRP A 152 21.03 -20.31 7.49
CA TRP A 152 19.81 -20.48 6.73
C TRP A 152 18.84 -21.32 7.54
N MET A 153 17.62 -20.80 7.73
CA MET A 153 16.66 -21.41 8.62
C MET A 153 15.47 -21.97 7.85
N TYR A 154 14.57 -22.63 8.58
CA TYR A 154 13.37 -23.22 7.99
C TYR A 154 12.40 -23.59 9.09
N ASP A 155 11.14 -23.77 8.70
CA ASP A 155 10.13 -24.41 9.53
C ASP A 155 9.70 -25.70 8.83
N HIS A 156 8.75 -26.42 9.42
CA HIS A 156 8.28 -27.64 8.80
C HIS A 156 7.66 -27.34 7.45
N PRO A 157 7.95 -28.13 6.42
CA PRO A 157 7.27 -28.00 5.13
C PRO A 157 5.77 -27.83 5.27
N SER A 158 5.15 -28.63 6.15
CA SER A 158 3.71 -28.57 6.37
C SER A 158 3.37 -27.82 7.65
N SER A 159 4.03 -26.68 7.87
CA SER A 159 3.76 -25.87 9.04
C SER A 159 2.57 -24.96 8.77
N LYS A 160 1.81 -24.69 9.83
CA LYS A 160 0.66 -23.79 9.69
C LYS A 160 1.08 -22.33 9.62
N ILE A 161 2.31 -22.01 9.96
CA ILE A 161 2.81 -20.64 9.98
C ILE A 161 3.53 -20.34 8.67
N PRO A 162 3.26 -19.19 8.03
CA PRO A 162 3.86 -18.91 6.73
C PRO A 162 5.38 -18.85 6.79
N GLN A 163 5.99 -19.24 5.67
CA GLN A 163 7.44 -19.25 5.55
C GLN A 163 7.81 -19.05 4.08
N HIS A 164 9.04 -18.63 3.86
CA HIS A 164 9.53 -18.36 2.52
C HIS A 164 9.88 -19.69 1.85
N LYS A 165 10.54 -19.64 0.70
CA LYS A 165 10.84 -20.85 -0.06
C LYS A 165 12.22 -21.28 0.41
N ASN A 166 12.27 -22.07 1.48
CA ASN A 166 13.52 -22.50 2.10
C ASN A 166 13.88 -23.95 1.79
N LEU A 167 14.80 -24.52 2.59
CA LEU A 167 15.46 -25.78 2.26
C LEU A 167 14.47 -26.93 2.11
N PRO A 168 13.76 -27.36 3.15
CA PRO A 168 12.86 -28.51 2.98
C PRO A 168 11.86 -28.25 1.88
N ILE A 169 11.39 -27.01 1.78
CA ILE A 169 10.37 -26.69 0.79
C ILE A 169 10.96 -26.80 -0.62
N MET A 170 12.23 -26.42 -0.81
CA MET A 170 12.85 -26.58 -2.14
C MET A 170 13.09 -28.04 -2.49
N LEU A 171 13.35 -28.90 -1.49
CA LEU A 171 13.57 -30.31 -1.80
C LEU A 171 12.24 -30.97 -2.13
N LEU A 172 11.17 -30.53 -1.50
CA LEU A 172 9.85 -30.97 -1.94
C LEU A 172 9.54 -30.55 -3.37
N GLU A 173 9.89 -29.36 -3.77
CA GLU A 173 9.56 -29.05 -5.14
C GLU A 173 10.55 -29.64 -6.12
N ALA A 174 11.72 -30.08 -5.68
CA ALA A 174 12.52 -30.85 -6.61
C ALA A 174 11.81 -32.13 -6.96
N LYS A 175 11.18 -32.81 -5.98
CA LYS A 175 10.43 -34.03 -6.27
C LYS A 175 9.12 -33.74 -6.99
N GLU A 176 8.41 -32.72 -6.51
CA GLU A 176 7.12 -32.31 -7.08
C GLU A 176 7.29 -31.85 -8.53
N LYS A 177 8.13 -30.85 -8.77
CA LYS A 177 8.36 -30.37 -10.14
C LYS A 177 9.25 -31.30 -10.95
N ASN A 178 9.93 -32.27 -10.31
CA ASN A 178 10.89 -33.15 -10.97
C ASN A 178 12.05 -32.36 -11.59
N VAL A 179 12.47 -31.30 -10.90
CA VAL A 179 13.59 -30.48 -11.33
C VAL A 179 14.70 -30.65 -10.30
N PRO A 180 15.91 -31.07 -10.69
CA PRO A 180 16.95 -31.31 -9.69
C PRO A 180 17.29 -30.04 -8.92
N PHE A 181 17.59 -30.22 -7.63
CA PHE A 181 18.10 -29.14 -6.79
C PHE A 181 19.62 -29.10 -6.90
N VAL A 182 20.15 -27.93 -7.27
CA VAL A 182 21.57 -27.78 -7.58
C VAL A 182 22.30 -27.24 -6.37
N THR A 183 23.26 -28.02 -5.88
CA THR A 183 24.13 -27.60 -4.80
C THR A 183 25.57 -27.94 -5.23
N THR A 184 26.46 -28.10 -4.26
CA THR A 184 27.85 -28.40 -4.58
C THR A 184 28.52 -29.04 -3.37
N VAL A 185 29.66 -29.69 -3.62
CA VAL A 185 30.51 -30.19 -2.54
C VAL A 185 31.50 -29.16 -2.05
N ASN A 186 31.57 -27.99 -2.71
CA ASN A 186 32.49 -26.93 -2.34
C ASN A 186 31.83 -25.88 -1.46
N GLU A 187 30.77 -26.25 -0.74
CA GLU A 187 30.14 -25.38 0.24
C GLU A 187 29.90 -26.18 1.51
N TYR A 188 30.39 -25.65 2.63
CA TYR A 188 30.17 -26.23 3.95
C TYR A 188 29.21 -25.32 4.69
N ARG A 189 27.97 -25.75 4.82
CA ARG A 189 26.90 -24.89 5.35
C ARG A 189 26.02 -25.68 6.30
N ALA A 190 25.58 -24.99 7.36
CA ALA A 190 24.66 -25.55 8.33
C ALA A 190 23.31 -24.85 8.19
N ILE A 191 22.24 -25.62 8.30
CA ILE A 191 20.89 -25.08 8.33
C ILE A 191 20.24 -25.41 9.67
N THR A 192 19.43 -24.49 10.17
CA THR A 192 18.86 -24.57 11.50
C THR A 192 17.34 -24.49 11.44
N PHE A 193 16.68 -25.27 12.31
CA PHE A 193 15.25 -25.15 12.51
C PHE A 193 14.96 -23.86 13.27
N VAL A 194 13.93 -23.12 12.85
CA VAL A 194 13.67 -21.79 13.42
C VAL A 194 13.38 -21.86 14.91
N GLY A 195 12.73 -22.93 15.36
CA GLY A 195 12.39 -23.06 16.77
C GLY A 195 13.60 -23.20 17.67
N GLU A 196 14.62 -23.93 17.23
CA GLU A 196 15.84 -24.01 18.03
C GLU A 196 16.50 -22.65 18.16
N VAL A 197 16.19 -21.73 17.24
CA VAL A 197 16.65 -20.35 17.36
C VAL A 197 15.66 -19.55 18.19
N VAL A 198 14.38 -19.86 18.03
CA VAL A 198 13.33 -19.16 18.78
C VAL A 198 13.31 -19.61 20.23
N GLU A 199 13.55 -20.90 20.49
CA GLU A 199 13.52 -21.40 21.86
C GLU A 199 14.83 -21.18 22.61
N ASN A 200 15.88 -20.73 21.93
CA ASN A 200 17.14 -20.40 22.57
C ASN A 200 17.37 -18.90 22.69
N ILE A 201 16.40 -18.08 22.28
CA ILE A 201 16.65 -16.65 22.11
C ILE A 201 16.77 -15.94 23.46
N GLU A 202 16.06 -16.42 24.48
CA GLU A 202 16.11 -15.77 25.78
C GLU A 202 17.50 -15.84 26.41
N LYS A 203 18.22 -16.93 26.16
CA LYS A 203 19.55 -17.10 26.76
C LYS A 203 20.54 -16.04 26.29
N THR A 204 20.39 -15.53 25.06
CA THR A 204 21.32 -14.52 24.58
C THR A 204 21.17 -13.20 25.32
N PHE A 205 20.03 -12.98 25.96
CA PHE A 205 19.79 -11.73 26.66
C PHE A 205 20.79 -11.51 27.78
N GLU A 206 21.20 -12.58 28.46
CA GLU A 206 22.12 -12.46 29.57
C GLU A 206 23.59 -12.52 29.14
N LEU A 207 23.85 -12.82 27.87
CA LEU A 207 25.23 -12.97 27.40
C LEU A 207 25.94 -11.62 27.35
N PRO A 208 27.18 -11.55 27.83
CA PRO A 208 27.97 -10.32 27.68
C PRO A 208 28.11 -9.93 26.21
N GLY A 209 28.23 -8.63 25.98
CA GLY A 209 28.35 -8.09 24.64
C GLY A 209 29.46 -8.69 23.80
N GLY A 210 29.14 -9.00 22.55
CA GLY A 210 30.12 -9.60 21.66
C GLY A 210 29.44 -10.17 20.43
N VAL A 211 30.15 -11.06 19.74
CA VAL A 211 29.66 -11.72 18.54
C VAL A 211 29.64 -13.22 18.80
N TYR A 212 28.52 -13.86 18.49
CA TYR A 212 28.32 -15.27 18.80
C TYR A 212 27.79 -16.03 17.58
N ASN A 213 28.40 -17.17 17.27
CA ASN A 213 27.84 -18.11 16.31
C ASN A 213 26.56 -18.73 16.87
N TYR A 214 25.48 -18.69 16.08
CA TYR A 214 24.14 -18.99 16.57
C TYR A 214 23.37 -19.85 15.56
N GLY A 215 23.57 -21.16 15.63
CA GLY A 215 22.84 -22.06 14.77
C GLY A 215 23.37 -23.48 14.89
N ALA A 216 22.89 -24.32 13.98
CA ALA A 216 23.34 -25.70 13.97
C ALA A 216 24.76 -25.79 13.46
N SER A 217 25.42 -26.90 13.76
CA SER A 217 26.75 -27.18 13.24
C SER A 217 26.65 -28.15 12.07
N ASN A 218 27.72 -28.21 11.29
CA ASN A 218 27.74 -29.10 10.13
C ASN A 218 29.16 -29.51 9.81
N THR A 219 29.39 -30.82 9.73
CA THR A 219 30.69 -31.36 9.39
C THR A 219 30.77 -31.87 7.94
N SER A 220 29.65 -32.00 7.25
CA SER A 220 29.62 -32.47 5.88
C SER A 220 29.24 -31.31 4.95
N ASN A 221 29.53 -31.51 3.66
CA ASN A 221 29.26 -30.49 2.66
C ASN A 221 27.78 -30.45 2.30
N SER A 222 27.40 -29.45 1.52
CA SER A 222 25.99 -29.23 1.22
C SER A 222 25.43 -30.33 0.33
N TYR A 223 26.24 -30.88 -0.58
CA TYR A 223 25.78 -32.01 -1.37
C TYR A 223 25.42 -33.20 -0.49
N GLU A 224 26.35 -33.58 0.40
CA GLU A 224 26.10 -34.70 1.30
C GLU A 224 25.00 -34.34 2.31
N THR A 225 25.00 -33.10 2.78
CA THR A 225 24.01 -32.68 3.75
C THR A 225 22.59 -32.76 3.18
N TYR A 226 22.37 -32.16 2.01
CA TYR A 226 21.05 -32.17 1.41
C TYR A 226 20.68 -33.53 0.83
N LYS A 227 21.69 -34.33 0.44
CA LYS A 227 21.41 -35.71 0.08
C LYS A 227 20.83 -36.46 1.28
N GLU A 228 21.43 -36.28 2.46
CA GLU A 228 20.99 -36.97 3.65
C GLU A 228 19.59 -36.52 4.09
N ILE A 229 19.31 -35.22 3.98
CA ILE A 229 17.98 -34.73 4.28
C ILE A 229 16.97 -35.19 3.23
N ALA A 230 17.43 -35.51 2.02
CA ALA A 230 16.50 -35.95 0.98
C ALA A 230 15.85 -37.30 1.30
N LYS A 231 16.53 -38.17 2.08
CA LYS A 231 15.91 -39.45 2.40
C LYS A 231 14.78 -39.30 3.42
N ILE A 232 14.96 -38.42 4.41
CA ILE A 232 13.92 -38.24 5.43
C ILE A 232 12.65 -37.70 4.82
N MET A 233 12.76 -36.89 3.78
CA MET A 233 11.58 -36.35 3.13
C MET A 233 11.17 -37.23 1.96
N ASP A 234 11.94 -38.27 1.69
CA ASP A 234 11.57 -39.32 0.75
C ASP A 234 11.54 -38.76 -0.68
N VAL A 235 12.49 -37.88 -0.99
CA VAL A 235 12.74 -37.42 -2.35
C VAL A 235 13.96 -38.15 -2.90
N PRO A 236 13.95 -38.55 -4.18
CA PRO A 236 15.07 -39.31 -4.74
C PRO A 236 16.37 -38.53 -4.71
N GLU A 237 17.48 -39.29 -4.62
CA GLU A 237 18.72 -38.67 -4.21
C GLU A 237 19.20 -37.87 -5.41
N ASN A 238 18.79 -38.33 -6.59
CA ASN A 238 19.15 -37.82 -7.92
C ASN A 238 18.55 -36.47 -8.20
N LEU A 239 17.56 -36.05 -7.42
CA LEU A 239 16.99 -34.72 -7.51
C LEU A 239 17.78 -33.73 -6.67
N VAL A 240 18.96 -34.14 -6.21
CA VAL A 240 19.92 -33.28 -5.52
C VAL A 240 21.22 -33.38 -6.33
N GLU A 241 21.65 -32.27 -6.90
CA GLU A 241 22.76 -32.28 -7.85
C GLU A 241 24.00 -31.60 -7.30
N ASN A 242 25.15 -32.15 -7.64
CA ASN A 242 26.48 -31.66 -7.24
C ASN A 242 27.11 -30.90 -8.40
N ASP A 243 26.88 -29.59 -8.45
CA ASP A 243 27.56 -28.75 -9.43
C ASP A 243 28.94 -28.37 -8.90
N THR A 244 29.97 -29.11 -9.34
CA THR A 244 31.33 -28.85 -8.89
C THR A 244 31.96 -27.61 -9.52
N ASN A 245 31.28 -26.95 -10.46
CA ASN A 245 31.81 -25.70 -10.99
C ASN A 245 31.55 -24.54 -10.05
N ARG A 246 30.58 -24.68 -9.15
CA ARG A 246 30.29 -23.63 -8.20
C ARG A 246 31.35 -23.59 -7.11
N PHE A 247 31.80 -22.38 -6.75
CA PHE A 247 32.84 -22.20 -5.73
C PHE A 247 34.11 -22.93 -6.15
N LYS A 248 34.26 -23.10 -7.46
CA LYS A 248 35.42 -23.75 -8.07
C LYS A 248 36.73 -23.14 -7.56
N ALA A 249 36.87 -21.81 -7.65
CA ALA A 249 38.10 -21.16 -7.22
C ALA A 249 38.38 -21.40 -5.74
N GLN A 250 37.49 -20.95 -4.87
CA GLN A 250 37.63 -21.14 -3.44
C GLN A 250 36.31 -21.67 -2.88
N ALA A 251 36.39 -22.75 -2.11
CA ALA A 251 35.19 -23.31 -1.50
C ALA A 251 34.67 -22.37 -0.43
N ARG A 252 33.34 -22.30 -0.31
CA ARG A 252 32.68 -21.40 0.63
C ARG A 252 32.38 -22.17 1.92
N ASN A 253 33.19 -21.91 2.94
CA ASN A 253 33.08 -22.59 4.23
C ASN A 253 32.54 -21.59 5.25
N ILE A 254 31.24 -21.71 5.55
CA ILE A 254 30.60 -20.90 6.58
C ILE A 254 30.12 -21.77 7.73
N SER A 255 30.71 -22.96 7.88
CA SER A 255 30.41 -23.83 9.01
C SER A 255 30.90 -23.18 10.30
N MET A 256 30.01 -23.08 11.28
CA MET A 256 30.30 -22.32 12.49
C MET A 256 30.74 -23.22 13.64
N ASN A 257 31.55 -22.64 14.53
CA ASN A 257 31.97 -23.27 15.77
C ASN A 257 31.21 -22.57 16.89
N ILE A 258 30.20 -23.26 17.45
CA ILE A 258 29.25 -22.64 18.37
C ILE A 258 29.61 -22.99 19.80
N GLN A 259 30.88 -23.27 20.04
CA GLN A 259 31.33 -23.63 21.38
C GLN A 259 31.38 -22.42 22.31
N LYS A 260 31.72 -21.23 21.79
CA LYS A 260 31.56 -20.03 22.60
C LYS A 260 30.14 -19.92 23.15
N ILE A 261 29.15 -20.29 22.33
CA ILE A 261 27.76 -20.13 22.73
C ILE A 261 27.38 -21.25 23.70
N GLU A 262 28.07 -22.39 23.62
CA GLU A 262 27.81 -23.53 24.49
C GLU A 262 28.39 -23.34 25.89
N LYS A 263 29.47 -22.57 26.02
CA LYS A 263 30.00 -22.29 27.35
C LYS A 263 28.99 -21.54 28.23
N HIS A 264 28.05 -20.85 27.60
CA HIS A 264 26.99 -20.15 28.30
C HIS A 264 25.73 -21.00 28.47
N GLY A 265 25.71 -22.20 27.92
CA GLY A 265 24.58 -23.11 28.07
C GLY A 265 23.64 -23.19 26.90
N ILE A 266 23.97 -22.57 25.77
CA ILE A 266 23.12 -22.59 24.58
C ILE A 266 23.62 -23.69 23.66
N HIS A 267 22.75 -24.63 23.33
CA HIS A 267 23.11 -25.79 22.54
C HIS A 267 22.22 -25.89 21.32
N PHE A 268 22.84 -26.21 20.18
CA PHE A 268 22.13 -26.46 18.94
C PHE A 268 22.55 -27.82 18.44
N SER A 269 21.57 -28.60 17.98
CA SER A 269 21.89 -29.89 17.38
C SER A 269 22.44 -29.69 15.98
N ASN A 270 23.11 -30.72 15.46
CA ASN A 270 23.72 -30.57 14.14
C ASN A 270 22.65 -30.61 13.05
N THR A 271 23.06 -30.20 11.84
CA THR A 271 22.12 -29.99 10.74
C THR A 271 21.22 -31.19 10.51
N VAL A 272 21.80 -32.39 10.41
CA VAL A 272 20.99 -33.56 10.07
C VAL A 272 20.16 -34.02 11.25
N ASP A 273 20.73 -34.04 12.45
CA ASP A 273 19.98 -34.47 13.63
C ASP A 273 18.85 -33.50 13.94
N GLY A 274 19.13 -32.20 13.87
CA GLY A 274 18.10 -31.21 14.13
C GLY A 274 16.94 -31.31 13.17
N PHE A 275 17.18 -31.81 11.96
CA PHE A 275 16.10 -31.93 10.98
C PHE A 275 15.13 -33.04 11.34
N SER A 276 15.63 -34.25 11.64
CA SER A 276 14.71 -35.32 12.03
C SER A 276 13.98 -35.00 13.31
N LYS A 277 14.64 -34.29 14.24
CA LYS A 277 14.02 -33.98 15.52
C LYS A 277 12.69 -33.28 15.30
N MET A 278 12.69 -32.23 14.47
CA MET A 278 11.45 -31.51 14.20
C MET A 278 10.58 -32.23 13.17
N TYR A 279 11.19 -32.95 12.24
CA TYR A 279 10.42 -33.57 11.16
C TYR A 279 9.50 -34.67 11.67
N LYS A 280 10.02 -35.55 12.53
CA LYS A 280 9.18 -36.63 13.05
C LYS A 280 8.16 -36.16 14.08
N SER A 281 8.15 -34.87 14.42
CA SER A 281 7.24 -34.37 15.44
C SER A 281 5.86 -34.07 14.86
N PRO B 1 -3.78 -30.57 20.01
CA PRO B 1 -3.08 -29.63 20.89
C PRO B 1 -4.06 -28.64 21.52
N MET B 2 -3.71 -27.37 21.51
CA MET B 2 -4.63 -26.30 21.86
C MET B 2 -5.29 -25.70 20.59
N LYS B 3 -6.44 -25.06 20.81
CA LYS B 3 -7.27 -24.62 19.69
C LYS B 3 -6.56 -23.56 18.87
N THR B 4 -6.74 -23.64 17.57
CA THR B 4 -5.98 -22.83 16.62
C THR B 4 -6.91 -21.71 16.15
N ILE B 5 -6.40 -20.48 16.11
CA ILE B 5 -7.23 -19.32 15.77
C ILE B 5 -6.59 -18.55 14.63
N LEU B 6 -7.40 -18.19 13.63
CA LEU B 6 -6.98 -17.36 12.52
C LEU B 6 -7.48 -15.93 12.71
N VAL B 7 -6.56 -14.98 12.68
CA VAL B 7 -6.87 -13.56 12.79
C VAL B 7 -6.45 -12.89 11.49
N THR B 8 -7.41 -12.30 10.79
CA THR B 8 -7.11 -11.54 9.57
C THR B 8 -6.72 -10.12 9.94
N GLY B 9 -5.76 -9.57 9.21
CA GLY B 9 -5.30 -8.23 9.52
C GLY B 9 -4.64 -8.15 10.88
N GLY B 10 -3.73 -9.10 11.16
CA GLY B 10 -3.05 -9.13 12.45
C GLY B 10 -2.15 -7.93 12.71
N SER B 11 -1.89 -7.11 11.70
CA SER B 11 -1.09 -5.90 11.87
C SER B 11 -1.94 -4.66 12.12
N GLY B 12 -3.26 -4.74 11.97
CA GLY B 12 -4.14 -3.61 12.16
C GLY B 12 -4.36 -3.31 13.63
N PHE B 13 -5.13 -2.25 13.89
CA PHE B 13 -5.41 -1.81 15.24
C PHE B 13 -5.97 -2.95 16.09
N LEU B 14 -7.11 -3.51 15.71
CA LEU B 14 -7.71 -4.58 16.52
C LEU B 14 -6.98 -5.90 16.33
N GLY B 15 -6.33 -6.10 15.19
CA GLY B 15 -5.68 -7.39 14.93
C GLY B 15 -4.51 -7.65 15.85
N ARG B 16 -3.58 -6.71 15.94
CA ARG B 16 -2.41 -6.85 16.81
C ARG B 16 -2.85 -7.00 18.27
N ARG B 17 -3.86 -6.26 18.68
CA ARG B 17 -4.25 -6.38 20.07
C ARG B 17 -4.78 -7.78 20.33
N LEU B 18 -5.58 -8.33 19.39
CA LEU B 18 -6.10 -9.68 19.56
C LEU B 18 -4.99 -10.71 19.52
N VAL B 19 -4.07 -10.63 18.53
CA VAL B 19 -3.05 -11.67 18.36
C VAL B 19 -2.18 -11.78 19.62
N SER B 20 -1.72 -10.64 20.15
CA SER B 20 -0.87 -10.65 21.32
C SER B 20 -1.62 -11.07 22.58
N HIS B 21 -2.94 -10.94 22.60
CA HIS B 21 -3.74 -11.40 23.74
C HIS B 21 -4.08 -12.88 23.61
N LEU B 22 -4.45 -13.32 22.42
CA LEU B 22 -4.81 -14.72 22.22
C LEU B 22 -3.62 -15.68 22.12
N SER B 23 -2.38 -15.19 21.90
CA SER B 23 -1.18 -16.03 21.71
C SER B 23 -0.69 -16.74 22.98
N LYS B 24 -1.30 -16.38 24.05
CA LYS B 24 -1.26 -16.67 25.46
C LYS B 24 -2.08 -17.94 25.84
N ASN B 25 -3.38 -18.04 25.52
CA ASN B 25 -4.06 -19.34 25.68
C ASN B 25 -4.43 -20.02 24.35
N TYR B 26 -3.83 -19.60 23.22
CA TYR B 26 -4.13 -20.19 21.92
C TYR B 26 -2.90 -20.16 21.01
N THR B 27 -2.99 -20.89 19.89
CA THR B 27 -2.05 -20.77 18.77
C THR B 27 -2.67 -19.87 17.73
N VAL B 28 -2.14 -18.66 17.58
CA VAL B 28 -2.72 -17.65 16.70
C VAL B 28 -2.00 -17.68 15.36
N VAL B 29 -2.76 -17.79 14.28
CA VAL B 29 -2.27 -17.73 12.91
C VAL B 29 -2.74 -16.42 12.31
N ALA B 30 -1.79 -15.49 12.11
CA ALA B 30 -2.07 -14.16 11.58
C ALA B 30 -1.31 -13.97 10.27
N PRO B 31 -1.82 -14.50 9.17
CA PRO B 31 -1.18 -14.29 7.87
C PRO B 31 -1.25 -12.83 7.46
N THR B 32 -0.35 -12.45 6.56
CA THR B 32 -0.41 -11.10 6.00
C THR B 32 -1.45 -11.07 4.89
N HIS B 33 -1.64 -9.89 4.31
CA HIS B 33 -2.49 -9.82 3.12
C HIS B 33 -1.92 -10.66 2.00
N GLY B 34 -0.60 -10.83 1.96
CA GLY B 34 0.03 -11.72 1.00
C GLY B 34 -0.35 -13.17 1.19
N GLU B 35 -0.12 -13.71 2.39
CA GLU B 35 -0.43 -15.12 2.64
C GLU B 35 -1.93 -15.40 2.71
N LEU B 36 -2.73 -14.39 3.04
CA LEU B 36 -4.19 -14.53 3.04
C LEU B 36 -4.76 -13.36 2.23
N ASP B 37 -4.66 -13.48 0.92
CA ASP B 37 -5.27 -12.50 0.03
C ASP B 37 -6.77 -12.77 -0.04
N LEU B 38 -7.56 -11.81 0.43
CA LEU B 38 -9.00 -11.97 0.51
C LEU B 38 -9.71 -11.64 -0.81
N THR B 39 -8.95 -11.39 -1.88
CA THR B 39 -9.52 -11.16 -3.20
C THR B 39 -9.58 -12.43 -4.04
N ASP B 40 -8.91 -13.49 -3.61
CA ASP B 40 -8.89 -14.76 -4.31
C ASP B 40 -9.68 -15.76 -3.48
N ARG B 41 -10.82 -16.19 -4.03
CA ARG B 41 -11.67 -17.17 -3.35
C ARG B 41 -10.89 -18.42 -2.96
N GLU B 42 -10.03 -18.90 -3.86
CA GLU B 42 -9.50 -20.26 -3.77
C GLU B 42 -8.29 -20.36 -2.85
N LYS B 43 -7.45 -19.33 -2.77
CA LYS B 43 -6.40 -19.38 -1.74
C LYS B 43 -7.05 -19.34 -0.37
N ILE B 44 -8.07 -18.50 -0.20
CA ILE B 44 -8.80 -18.43 1.06
C ILE B 44 -9.33 -19.81 1.43
N ILE B 45 -10.01 -20.48 0.49
CA ILE B 45 -10.54 -21.80 0.81
C ILE B 45 -9.40 -22.77 1.07
N SER B 46 -8.38 -22.76 0.20
CA SER B 46 -7.22 -23.64 0.41
C SER B 46 -6.48 -23.28 1.69
N GLU B 47 -6.17 -22.00 1.87
CA GLU B 47 -5.46 -21.57 3.08
C GLU B 47 -6.27 -21.83 4.33
N VAL B 48 -7.56 -21.46 4.34
CA VAL B 48 -8.35 -21.77 5.53
C VAL B 48 -8.47 -23.29 5.72
N THR B 49 -8.50 -24.07 4.64
CA THR B 49 -8.63 -25.51 4.81
C THR B 49 -7.36 -26.09 5.43
N LYS B 50 -6.20 -25.79 4.84
CA LYS B 50 -4.91 -26.05 5.47
C LYS B 50 -4.59 -24.89 6.39
N ILE B 51 -5.06 -24.97 7.62
CA ILE B 51 -4.83 -24.07 8.76
C ILE B 51 -5.78 -24.64 9.79
N ASN B 52 -7.00 -24.91 9.32
CA ASN B 52 -8.06 -25.48 10.17
C ASN B 52 -8.28 -24.76 11.42
N PRO B 53 -8.62 -23.45 11.40
CA PRO B 53 -8.89 -22.73 12.64
C PRO B 53 -10.24 -23.16 13.21
N GLN B 54 -10.24 -23.47 14.51
CA GLN B 54 -11.52 -23.70 15.17
C GLN B 54 -12.27 -22.40 15.36
N ILE B 55 -11.54 -21.28 15.39
CA ILE B 55 -12.12 -19.95 15.50
C ILE B 55 -11.43 -19.07 14.48
N ILE B 56 -12.22 -18.26 13.78
CA ILE B 56 -11.69 -17.29 12.84
C ILE B 56 -12.15 -15.93 13.31
N ILE B 57 -11.20 -15.07 13.64
CA ILE B 57 -11.51 -13.70 13.98
C ILE B 57 -11.22 -12.84 12.74
N HIS B 58 -12.31 -12.25 12.17
CA HIS B 58 -12.32 -11.47 10.94
C HIS B 58 -12.09 -10.04 11.40
N THR B 59 -11.00 -9.39 10.96
CA THR B 59 -11.00 -7.99 11.39
C THR B 59 -11.71 -7.11 10.38
N ALA B 60 -11.93 -7.60 9.16
CA ALA B 60 -12.72 -6.98 8.10
C ALA B 60 -12.31 -5.56 7.81
N ALA B 61 -11.23 -5.41 7.05
CA ALA B 61 -10.69 -4.11 6.70
C ALA B 61 -9.63 -4.33 5.63
N ILE B 62 -9.67 -3.53 4.57
CA ILE B 62 -8.61 -3.62 3.58
C ILE B 62 -7.30 -3.23 4.24
N SER B 63 -6.26 -4.03 3.99
CA SER B 63 -4.92 -3.70 4.49
C SER B 63 -4.40 -2.38 3.92
N ASN B 64 -5.19 -1.72 3.07
CA ASN B 64 -4.82 -0.55 2.29
C ASN B 64 -3.83 -0.91 1.20
N THR B 65 -2.94 -1.87 1.46
CA THR B 65 -2.09 -2.40 0.39
C THR B 65 -2.98 -2.92 -0.73
N GLY B 66 -2.73 -2.43 -1.94
CA GLY B 66 -3.64 -2.64 -3.05
C GLY B 66 -4.65 -1.53 -3.23
N LEU B 67 -4.52 -0.43 -2.51
CA LEU B 67 -5.41 0.73 -2.64
C LEU B 67 -4.78 1.85 -1.81
N CYS B 68 -5.46 3.00 -1.76
CA CYS B 68 -5.11 4.09 -0.87
C CYS B 68 -6.11 5.22 -1.08
N GLU B 69 -7.33 5.05 -0.55
CA GLU B 69 -8.52 5.79 -0.96
C GLU B 69 -8.33 6.40 -2.35
N GLN B 70 -7.76 5.60 -3.24
CA GLN B 70 -7.49 5.98 -4.63
C GLN B 70 -8.42 5.28 -5.60
N ASN B 71 -9.14 4.25 -5.16
CA ASN B 71 -10.34 3.76 -5.82
C ASN B 71 -11.32 3.33 -4.73
N PRO B 72 -11.86 4.29 -3.98
CA PRO B 72 -12.67 3.94 -2.80
C PRO B 72 -13.88 3.08 -3.11
N GLU B 73 -14.21 2.86 -4.37
CA GLU B 73 -15.45 2.24 -4.81
C GLU B 73 -15.35 0.73 -4.96
N LEU B 74 -14.14 0.16 -5.06
CA LEU B 74 -13.94 -1.28 -4.95
C LEU B 74 -13.81 -1.78 -3.52
N SER B 75 -13.49 -0.89 -2.57
CA SER B 75 -13.37 -1.32 -1.19
C SER B 75 -14.66 -1.98 -0.72
N GLU B 76 -15.81 -1.39 -1.08
CA GLU B 76 -17.09 -2.00 -0.73
C GLU B 76 -17.25 -3.38 -1.36
N SER B 77 -16.75 -3.57 -2.59
CA SER B 77 -16.98 -4.80 -3.32
C SER B 77 -16.08 -5.94 -2.84
N ILE B 78 -14.79 -5.66 -2.66
CA ILE B 78 -13.91 -6.74 -2.23
C ILE B 78 -14.08 -7.03 -0.75
N ASN B 79 -14.50 -6.04 0.05
CA ASN B 79 -14.58 -6.25 1.48
C ASN B 79 -15.79 -7.10 1.88
N LEU B 80 -16.88 -7.08 1.11
CA LEU B 80 -17.88 -8.10 1.40
C LEU B 80 -17.49 -9.42 0.76
N ASN B 81 -16.77 -9.37 -0.38
CA ASN B 81 -16.40 -10.62 -1.05
C ASN B 81 -15.41 -11.40 -0.19
N GLY B 82 -14.47 -10.69 0.47
CA GLY B 82 -13.56 -11.37 1.37
C GLY B 82 -14.29 -12.01 2.53
N THR B 83 -15.28 -11.30 3.10
CA THR B 83 -16.11 -11.87 4.15
C THR B 83 -16.94 -13.04 3.62
N LYS B 84 -17.53 -12.83 2.43
CA LYS B 84 -18.22 -13.87 1.65
C LYS B 84 -17.34 -15.08 1.34
N TYR B 85 -16.05 -14.91 1.05
CA TYR B 85 -15.22 -16.10 0.81
C TYR B 85 -14.88 -16.83 2.10
N LEU B 86 -14.49 -16.07 3.14
CA LEU B 86 -14.14 -16.66 4.43
C LEU B 86 -15.33 -17.41 5.01
N ALA B 87 -16.55 -16.91 4.79
CA ALA B 87 -17.73 -17.60 5.30
C ALA B 87 -17.85 -19.00 4.71
N GLU B 88 -17.58 -19.16 3.41
CA GLU B 88 -17.59 -20.48 2.81
C GLU B 88 -16.48 -21.36 3.40
N ALA B 89 -15.27 -20.79 3.50
CA ALA B 89 -14.14 -21.55 4.04
C ALA B 89 -14.43 -22.02 5.45
N ALA B 90 -14.91 -21.11 6.31
CA ALA B 90 -15.33 -21.52 7.64
C ALA B 90 -16.46 -22.53 7.56
N SER B 91 -17.41 -22.32 6.65
CA SER B 91 -18.52 -23.26 6.49
C SER B 91 -18.05 -24.59 5.93
N LYS B 92 -16.95 -24.60 5.16
CA LYS B 92 -16.46 -25.85 4.60
C LYS B 92 -15.78 -26.72 5.64
N ILE B 93 -15.33 -26.13 6.74
CA ILE B 93 -14.68 -26.85 7.83
C ILE B 93 -15.47 -26.77 9.13
N ASN B 94 -16.67 -26.20 9.09
CA ASN B 94 -17.50 -26.02 10.28
C ASN B 94 -16.74 -25.23 11.35
N SER B 95 -16.23 -24.06 10.96
CA SER B 95 -15.47 -23.18 11.83
C SER B 95 -16.35 -22.09 12.41
N LYS B 96 -15.88 -21.49 13.51
CA LYS B 96 -16.57 -20.41 14.19
C LYS B 96 -15.94 -19.08 13.77
N LEU B 97 -16.70 -18.26 13.06
CA LEU B 97 -16.20 -16.99 12.53
C LEU B 97 -16.72 -15.85 13.40
N ILE B 98 -15.80 -15.00 13.87
CA ILE B 98 -16.11 -13.81 14.64
C ILE B 98 -15.93 -12.61 13.74
N PHE B 99 -17.03 -11.98 13.34
CA PHE B 99 -17.02 -10.83 12.45
C PHE B 99 -17.11 -9.52 13.21
N CYS B 100 -16.24 -8.58 12.85
CA CYS B 100 -16.25 -7.25 13.45
C CYS B 100 -17.19 -6.35 12.64
N SER B 101 -18.36 -6.07 13.20
CA SER B 101 -19.31 -5.18 12.53
C SER B 101 -19.12 -3.77 13.07
N SER B 102 -20.18 -2.96 13.07
CA SER B 102 -20.03 -1.59 13.54
C SER B 102 -21.34 -1.09 14.12
N ASP B 103 -21.23 -0.16 15.07
CA ASP B 103 -22.38 0.59 15.54
C ASP B 103 -22.85 1.61 14.52
N GLN B 104 -22.08 1.83 13.45
CA GLN B 104 -22.46 2.76 12.39
C GLN B 104 -23.66 2.27 11.61
N ILE B 105 -24.11 1.04 11.85
CA ILE B 105 -25.32 0.55 11.21
C ILE B 105 -26.54 1.28 11.76
N TYR B 106 -26.41 1.87 12.95
CA TYR B 106 -27.49 2.57 13.62
C TYR B 106 -27.57 4.04 13.24
N ASN B 107 -26.70 4.53 12.35
CA ASN B 107 -26.61 5.96 12.09
C ASN B 107 -27.83 6.51 11.36
N GLY B 108 -28.69 5.64 10.82
CA GLY B 108 -29.92 6.05 10.17
C GLY B 108 -31.19 5.91 10.98
N ASN B 109 -31.09 5.58 12.26
CA ASN B 109 -32.26 5.47 13.13
C ASN B 109 -32.61 6.81 13.76
N ALA B 110 -33.90 7.12 13.74
CA ALA B 110 -34.47 8.33 14.30
C ALA B 110 -34.93 8.15 15.74
N GLU B 111 -34.76 6.96 16.30
CA GLU B 111 -35.12 6.73 17.69
C GLU B 111 -34.09 7.39 18.60
N LYS B 112 -34.38 7.35 19.90
CA LYS B 112 -33.55 7.96 20.92
C LYS B 112 -33.23 6.94 22.00
N GLY B 113 -32.01 7.02 22.52
CA GLY B 113 -31.56 6.10 23.54
C GLY B 113 -30.73 4.95 22.98
N PRO B 114 -30.30 4.07 23.88
CA PRO B 114 -29.54 2.88 23.45
C PRO B 114 -30.38 1.99 22.55
N LEU B 115 -29.80 1.59 21.42
CA LEU B 115 -30.48 0.78 20.41
C LEU B 115 -30.17 -0.69 20.58
N SER B 116 -31.14 -1.54 20.22
CA SER B 116 -31.02 -2.99 20.33
C SER B 116 -30.67 -3.64 18.98
N GLU B 117 -30.19 -4.89 19.06
CA GLU B 117 -29.72 -5.63 17.88
C GLU B 117 -30.84 -6.08 16.95
N ASP B 118 -32.08 -6.08 17.41
CA ASP B 118 -33.21 -6.49 16.58
C ASP B 118 -33.80 -5.29 15.91
N ILE B 119 -33.11 -4.14 15.96
CA ILE B 119 -33.69 -2.92 15.42
C ILE B 119 -33.73 -2.95 13.89
N ASP B 120 -34.79 -2.40 13.34
CA ASP B 120 -34.84 -2.07 11.92
C ASP B 120 -33.82 -0.96 11.70
N VAL B 121 -32.83 -1.21 10.86
CA VAL B 121 -31.72 -0.30 10.67
C VAL B 121 -31.65 0.11 9.21
N HIS B 122 -31.31 1.36 9.00
CA HIS B 122 -31.26 1.95 7.67
C HIS B 122 -30.03 2.83 7.63
N PRO B 123 -28.85 2.23 7.49
CA PRO B 123 -27.60 2.99 7.47
C PRO B 123 -27.58 4.05 6.37
N VAL B 124 -27.05 5.23 6.71
CA VAL B 124 -27.05 6.34 5.77
C VAL B 124 -25.80 6.44 4.90
N ASN B 125 -24.69 5.83 5.32
CA ASN B 125 -23.43 5.99 4.60
C ASN B 125 -22.93 4.64 4.11
N VAL B 126 -21.84 4.68 3.34
CA VAL B 126 -21.29 3.47 2.74
C VAL B 126 -20.88 2.48 3.83
N TYR B 127 -20.14 2.96 4.82
CA TYR B 127 -19.63 2.04 5.84
C TYR B 127 -20.75 1.43 6.68
N GLY B 128 -21.73 2.22 7.09
CA GLY B 128 -22.87 1.63 7.77
C GLY B 128 -23.60 0.62 6.90
N LYS B 129 -23.82 0.96 5.63
CA LYS B 129 -24.45 0.04 4.68
C LYS B 129 -23.59 -1.19 4.45
N HIS B 130 -22.27 -1.04 4.46
CA HIS B 130 -21.40 -2.16 4.07
C HIS B 130 -21.31 -3.19 5.19
N LYS B 131 -21.31 -2.73 6.45
CA LYS B 131 -21.25 -3.68 7.56
C LYS B 131 -22.57 -4.42 7.71
N LEU B 132 -23.70 -3.71 7.64
CA LEU B 132 -24.99 -4.37 7.68
C LEU B 132 -25.13 -5.33 6.50
N GLU B 133 -24.68 -4.93 5.32
CA GLU B 133 -24.77 -5.80 4.16
C GLU B 133 -23.81 -6.98 4.29
N ALA B 134 -22.64 -6.74 4.89
CA ALA B 134 -21.72 -7.83 5.23
C ALA B 134 -22.31 -8.71 6.32
N GLU B 135 -22.99 -8.11 7.29
CA GLU B 135 -23.61 -8.88 8.37
C GLU B 135 -24.61 -9.88 7.80
N ARG B 136 -25.45 -9.41 6.88
CA ARG B 136 -26.52 -10.24 6.35
C ARG B 136 -26.00 -11.33 5.41
N LYS B 137 -24.94 -11.04 4.65
CA LYS B 137 -24.39 -12.08 3.81
C LYS B 137 -23.71 -13.16 4.65
N LEU B 138 -23.15 -12.80 5.81
CA LEU B 138 -22.55 -13.79 6.70
C LEU B 138 -23.59 -14.70 7.32
N GLN B 139 -24.64 -14.09 7.88
CA GLN B 139 -25.72 -14.88 8.45
C GLN B 139 -26.37 -15.74 7.39
N GLU B 140 -26.40 -15.32 6.09
CA GLU B 140 -27.09 -16.17 5.10
C GLU B 140 -26.33 -17.48 5.10
N ILE B 141 -25.00 -17.35 4.89
CA ILE B 141 -24.07 -18.43 4.55
C ILE B 141 -23.77 -19.30 5.75
N LEU B 142 -23.46 -18.69 6.89
CA LEU B 142 -22.98 -19.39 8.07
C LEU B 142 -23.78 -18.87 9.25
N PRO B 143 -24.94 -19.47 9.53
CA PRO B 143 -25.81 -18.99 10.62
C PRO B 143 -25.13 -18.96 11.98
N THR B 144 -24.10 -19.76 12.20
CA THR B 144 -23.42 -19.80 13.50
C THR B 144 -22.49 -18.62 13.71
N SER B 145 -22.22 -17.83 12.67
CA SER B 145 -21.28 -16.73 12.79
C SER B 145 -21.79 -15.69 13.78
N VAL B 146 -20.86 -15.09 14.52
CA VAL B 146 -21.17 -14.10 15.53
C VAL B 146 -20.71 -12.74 15.02
N SER B 147 -21.65 -11.80 14.87
CA SER B 147 -21.35 -10.46 14.42
C SER B 147 -21.33 -9.53 15.63
N LEU B 148 -20.17 -8.93 15.88
CA LEU B 148 -20.01 -7.98 16.97
C LEU B 148 -20.04 -6.57 16.39
N ARG B 149 -21.01 -5.77 16.81
CA ARG B 149 -21.09 -4.38 16.35
C ARG B 149 -20.14 -3.54 17.19
N LEU B 150 -18.93 -3.30 16.68
CA LEU B 150 -17.93 -2.58 17.44
C LEU B 150 -18.15 -1.07 17.32
N THR B 151 -17.54 -0.33 18.24
CA THR B 151 -17.59 1.12 18.23
C THR B 151 -16.25 1.67 17.80
N TRP B 152 -16.13 2.99 17.91
CA TRP B 152 -14.82 3.63 17.82
C TRP B 152 -14.04 3.31 19.09
N MET B 153 -12.85 2.78 18.93
CA MET B 153 -12.04 2.28 20.03
C MET B 153 -10.81 3.16 20.22
N TYR B 154 -10.03 2.82 21.25
CA TYR B 154 -8.82 3.55 21.55
C TYR B 154 -7.96 2.68 22.47
N ASP B 155 -6.67 3.02 22.49
CA ASP B 155 -5.72 2.51 23.47
C ASP B 155 -5.31 3.69 24.34
N HIS B 156 -4.46 3.44 25.32
CA HIS B 156 -4.03 4.54 26.17
C HIS B 156 -3.30 5.58 25.33
N PRO B 157 -3.57 6.86 25.55
CA PRO B 157 -2.84 7.92 24.85
C PRO B 157 -1.34 7.67 24.76
N SER B 158 -0.73 7.29 25.89
CA SER B 158 0.70 7.03 25.91
C SER B 158 1.00 5.53 25.96
N SER B 159 0.35 4.76 25.09
CA SER B 159 0.56 3.32 25.05
C SER B 159 1.81 2.99 24.25
N LYS B 160 2.46 1.88 24.63
CA LYS B 160 3.65 1.44 23.91
C LYS B 160 3.34 0.80 22.57
N ILE B 161 2.08 0.44 22.32
CA ILE B 161 1.74 -0.19 21.05
C ILE B 161 1.25 0.90 20.12
N PRO B 162 1.75 0.95 18.88
CA PRO B 162 1.36 2.02 17.96
C PRO B 162 -0.12 2.00 17.66
N GLN B 163 -0.67 3.18 17.43
CA GLN B 163 -2.07 3.34 17.09
C GLN B 163 -2.23 4.62 16.29
N HIS B 164 -3.30 4.70 15.51
CA HIS B 164 -3.55 5.90 14.73
C HIS B 164 -4.21 6.92 15.65
N LYS B 165 -4.72 8.01 15.09
CA LYS B 165 -5.18 9.14 15.91
C LYS B 165 -6.66 8.97 16.23
N ASN B 166 -6.93 8.36 17.38
CA ASN B 166 -8.27 8.10 17.89
C ASN B 166 -8.60 9.19 18.91
N LEU B 167 -9.60 8.94 19.78
CA LEU B 167 -10.08 10.10 20.55
C LEU B 167 -8.97 10.69 21.41
N PRO B 168 -8.43 9.96 22.40
CA PRO B 168 -7.57 10.61 23.39
C PRO B 168 -6.42 11.36 22.76
N ILE B 169 -5.87 10.80 21.69
CA ILE B 169 -4.75 11.41 21.01
C ILE B 169 -5.19 12.71 20.34
N MET B 170 -6.43 12.74 19.80
CA MET B 170 -6.97 13.96 19.21
C MET B 170 -7.22 15.05 20.24
N LEU B 171 -7.59 14.67 21.47
CA LEU B 171 -7.84 15.67 22.51
C LEU B 171 -6.55 16.19 23.14
N LEU B 172 -5.52 15.34 23.28
CA LEU B 172 -4.24 15.78 23.84
C LEU B 172 -3.66 16.92 23.03
N GLU B 173 -3.74 16.76 21.72
CA GLU B 173 -3.30 17.57 20.60
C GLU B 173 -4.16 18.74 20.27
N ALA B 174 -5.40 18.75 20.74
CA ALA B 174 -6.12 19.99 20.72
C ALA B 174 -5.46 20.97 21.67
N LYS B 175 -4.92 20.45 22.77
CA LYS B 175 -4.17 21.26 23.72
C LYS B 175 -2.80 21.64 23.19
N GLU B 176 -2.07 20.67 22.60
CA GLU B 176 -0.75 20.98 22.03
C GLU B 176 -0.89 22.01 20.90
N LYS B 177 -1.68 21.67 19.84
CA LYS B 177 -1.91 22.53 18.66
C LYS B 177 -2.71 23.76 18.97
N ASN B 178 -3.41 23.83 20.10
CA ASN B 178 -4.33 24.92 20.40
C ASN B 178 -5.36 25.07 19.30
N VAL B 179 -5.76 23.95 18.69
CA VAL B 179 -6.81 23.92 17.70
C VAL B 179 -7.94 23.08 18.27
N PRO B 180 -9.13 23.64 18.49
CA PRO B 180 -10.19 22.89 19.16
C PRO B 180 -10.61 21.65 18.37
N PHE B 181 -10.98 20.61 19.12
CA PHE B 181 -11.59 19.41 18.55
C PHE B 181 -13.08 19.64 18.41
N VAL B 182 -13.59 19.45 17.19
CA VAL B 182 -14.96 19.82 16.85
C VAL B 182 -15.85 18.59 16.95
N THR B 183 -16.87 18.68 17.82
CA THR B 183 -17.85 17.60 17.97
C THR B 183 -19.24 18.25 17.91
N THR B 184 -20.23 17.56 18.46
CA THR B 184 -21.59 18.08 18.42
C THR B 184 -22.43 17.42 19.49
N VAL B 185 -23.54 18.08 19.84
CA VAL B 185 -24.55 17.50 20.73
C VAL B 185 -25.60 16.73 19.96
N ASN B 186 -25.55 16.74 18.62
CA ASN B 186 -26.49 16.01 17.80
C ASN B 186 -25.96 14.65 17.38
N GLU B 187 -25.01 14.11 18.15
CA GLU B 187 -24.51 12.75 17.96
C GLU B 187 -24.41 12.07 19.32
N TYR B 188 -25.03 10.91 19.45
CA TYR B 188 -24.92 10.07 20.65
C TYR B 188 -24.09 8.86 20.29
N ARG B 189 -22.84 8.84 20.77
CA ARG B 189 -21.87 7.85 20.34
C ARG B 189 -21.07 7.34 21.52
N ALA B 190 -20.74 6.05 21.50
CA ALA B 190 -19.93 5.42 22.53
C ALA B 190 -18.57 5.02 21.97
N ILE B 191 -17.53 5.23 22.77
CA ILE B 191 -16.18 4.77 22.50
C ILE B 191 -15.74 3.85 23.64
N THR B 192 -14.97 2.82 23.27
CA THR B 192 -14.59 1.74 24.17
C THR B 192 -13.07 1.62 24.21
N PHE B 193 -12.54 1.28 25.39
CA PHE B 193 -11.13 0.95 25.46
C PHE B 193 -10.89 -0.39 24.79
N VAL B 194 -9.84 -0.45 23.97
CA VAL B 194 -9.59 -1.64 23.17
C VAL B 194 -9.30 -2.85 24.05
N GLY B 195 -8.69 -2.65 25.22
CA GLY B 195 -8.39 -3.78 26.09
C GLY B 195 -9.64 -4.47 26.60
N GLU B 196 -10.65 -3.67 26.95
CA GLU B 196 -11.93 -4.22 27.37
C GLU B 196 -12.64 -4.93 26.21
N VAL B 197 -12.19 -4.69 24.98
CA VAL B 197 -12.69 -5.41 23.80
C VAL B 197 -11.92 -6.70 23.56
N VAL B 198 -10.59 -6.70 23.78
CA VAL B 198 -9.79 -7.89 23.53
C VAL B 198 -9.96 -8.92 24.64
N GLU B 199 -10.12 -8.47 25.90
CA GLU B 199 -10.21 -9.38 27.04
C GLU B 199 -11.59 -10.00 27.19
N ASN B 200 -12.57 -9.54 26.42
CA ASN B 200 -13.91 -10.13 26.34
C ASN B 200 -14.12 -10.97 25.10
N ILE B 201 -13.10 -11.14 24.25
CA ILE B 201 -13.35 -11.77 22.97
C ILE B 201 -13.50 -13.28 23.10
N GLU B 202 -12.86 -13.91 24.10
CA GLU B 202 -12.97 -15.36 24.26
C GLU B 202 -14.40 -15.77 24.57
N LYS B 203 -15.12 -14.94 25.32
CA LYS B 203 -16.49 -15.25 25.70
C LYS B 203 -17.42 -15.32 24.48
N THR B 204 -17.09 -14.58 23.41
CA THR B 204 -17.91 -14.62 22.20
C THR B 204 -17.78 -15.95 21.45
N PHE B 205 -16.74 -16.74 21.70
CA PHE B 205 -16.51 -17.96 20.94
C PHE B 205 -17.62 -18.98 21.16
N GLU B 206 -18.13 -19.08 22.38
CA GLU B 206 -19.19 -20.03 22.71
C GLU B 206 -20.57 -19.44 22.52
N LEU B 207 -20.62 -18.19 22.07
CA LEU B 207 -21.86 -17.45 21.95
C LEU B 207 -22.65 -17.94 20.73
N PRO B 208 -23.97 -18.13 20.84
CA PRO B 208 -24.76 -18.53 19.66
C PRO B 208 -24.68 -17.55 18.50
N GLY B 209 -24.82 -18.10 17.29
CA GLY B 209 -24.76 -17.29 16.08
C GLY B 209 -25.80 -16.18 16.07
N GLY B 210 -25.36 -14.99 15.68
CA GLY B 210 -26.26 -13.85 15.64
C GLY B 210 -25.47 -12.56 15.53
N VAL B 211 -26.15 -11.45 15.87
CA VAL B 211 -25.55 -10.12 15.90
C VAL B 211 -25.65 -9.59 17.32
N TYR B 212 -24.54 -9.07 17.83
CA TYR B 212 -24.44 -8.62 19.21
C TYR B 212 -23.80 -7.24 19.26
N ASN B 213 -24.43 -6.32 19.99
CA ASN B 213 -23.77 -5.07 20.32
C ASN B 213 -22.62 -5.35 21.28
N TYR B 214 -21.42 -4.89 20.92
CA TYR B 214 -20.20 -5.32 21.62
C TYR B 214 -19.33 -4.08 21.85
N GLY B 215 -19.63 -3.37 22.93
CA GLY B 215 -18.87 -2.19 23.28
C GLY B 215 -19.49 -1.49 24.47
N ALA B 216 -18.96 -0.29 24.74
CA ALA B 216 -19.42 0.53 25.84
C ALA B 216 -20.76 1.16 25.52
N SER B 217 -21.44 1.61 26.58
CA SER B 217 -22.68 2.36 26.46
C SER B 217 -22.39 3.85 26.65
N ASN B 218 -23.35 4.67 26.25
CA ASN B 218 -23.22 6.12 26.43
C ASN B 218 -24.60 6.76 26.51
N THR B 219 -24.82 7.52 27.58
CA THR B 219 -26.08 8.23 27.77
C THR B 219 -25.97 9.72 27.46
N SER B 220 -24.76 10.25 27.29
CA SER B 220 -24.56 11.65 27.03
C SER B 220 -24.15 11.86 25.58
N ASN B 221 -24.30 13.10 25.11
CA ASN B 221 -23.94 13.39 23.74
C ASN B 221 -22.43 13.55 23.61
N SER B 222 -21.96 13.66 22.37
CA SER B 222 -20.52 13.64 22.13
C SER B 222 -19.82 14.89 22.67
N TYR B 223 -20.49 16.04 22.66
CA TYR B 223 -19.91 17.25 23.23
C TYR B 223 -19.64 17.07 24.72
N GLU B 224 -20.64 16.59 25.46
CA GLU B 224 -20.47 16.39 26.90
C GLU B 224 -19.50 15.24 27.17
N THR B 225 -19.53 14.19 26.36
CA THR B 225 -18.64 13.07 26.55
C THR B 225 -17.18 13.48 26.40
N TYR B 226 -16.85 14.13 25.29
CA TYR B 226 -15.46 14.51 25.04
C TYR B 226 -15.00 15.64 25.97
N LYS B 227 -15.93 16.49 26.42
CA LYS B 227 -15.59 17.47 27.45
C LYS B 227 -15.17 16.78 28.74
N GLU B 228 -15.96 15.79 29.18
CA GLU B 228 -15.68 15.11 30.43
C GLU B 228 -14.38 14.32 30.34
N ILE B 229 -14.12 13.72 29.18
CA ILE B 229 -12.85 13.02 28.99
C ILE B 229 -11.70 14.01 28.86
N ALA B 230 -11.95 15.21 28.33
CA ALA B 230 -10.88 16.21 28.24
C ALA B 230 -10.49 16.74 29.60
N LYS B 231 -11.45 16.83 30.53
CA LYS B 231 -11.12 17.30 31.88
C LYS B 231 -10.26 16.29 32.61
N ILE B 232 -10.51 15.00 32.37
CA ILE B 232 -9.70 13.95 33.00
C ILE B 232 -8.26 14.00 32.51
N MET B 233 -8.06 14.39 31.25
CA MET B 233 -6.72 14.45 30.66
C MET B 233 -6.11 15.83 30.80
N ASP B 234 -6.83 16.77 31.40
CA ASP B 234 -6.35 18.12 31.66
C ASP B 234 -6.19 18.91 30.36
N VAL B 235 -7.12 18.68 29.44
CA VAL B 235 -7.31 19.55 28.28
C VAL B 235 -8.45 20.49 28.64
N PRO B 236 -8.34 21.79 28.41
CA PRO B 236 -9.45 22.67 28.75
C PRO B 236 -10.66 22.31 27.89
N GLU B 237 -11.78 22.04 28.55
CA GLU B 237 -13.10 22.37 27.99
C GLU B 237 -13.24 23.27 26.76
N ASN B 238 -12.54 24.41 26.69
CA ASN B 238 -12.73 25.26 25.51
C ASN B 238 -12.07 24.68 24.26
N LEU B 239 -11.29 23.63 24.40
CA LEU B 239 -10.67 22.95 23.27
C LEU B 239 -11.53 21.83 22.74
N VAL B 240 -12.79 21.77 23.18
CA VAL B 240 -13.81 20.87 22.67
C VAL B 240 -14.93 21.77 22.17
N GLU B 241 -15.20 21.70 20.87
CA GLU B 241 -16.04 22.67 20.19
C GLU B 241 -17.39 22.05 19.80
N ASN B 242 -18.44 22.85 19.88
CA ASN B 242 -19.82 22.42 19.61
C ASN B 242 -20.28 22.88 18.23
N ASP B 243 -20.09 22.03 17.22
CA ASP B 243 -20.62 22.29 15.88
C ASP B 243 -22.10 21.88 15.84
N THR B 244 -23.01 22.85 15.97
CA THR B 244 -24.42 22.50 15.95
C THR B 244 -24.93 22.19 14.55
N ASN B 245 -24.10 22.37 13.52
CA ASN B 245 -24.49 22.10 12.15
C ASN B 245 -24.48 20.62 11.80
N ARG B 246 -23.77 19.79 12.57
CA ARG B 246 -23.68 18.39 12.26
C ARG B 246 -24.98 17.67 12.61
N PHE B 247 -25.48 16.85 11.68
CA PHE B 247 -26.66 16.02 11.94
C PHE B 247 -27.86 16.84 12.39
N LYS B 248 -27.89 18.12 12.01
CA LYS B 248 -29.00 19.01 12.37
C LYS B 248 -30.35 18.40 12.01
N ALA B 249 -30.49 17.94 10.77
CA ALA B 249 -31.76 17.37 10.34
C ALA B 249 -32.14 16.17 11.21
N GLN B 250 -31.31 15.14 11.23
CA GLN B 250 -31.53 13.98 12.08
C GLN B 250 -30.25 13.72 12.86
N ALA B 251 -30.40 13.60 14.18
CA ALA B 251 -29.26 13.32 15.04
C ALA B 251 -28.73 11.91 14.82
N ARG B 252 -27.42 11.76 14.98
CA ARG B 252 -26.76 10.48 14.75
C ARG B 252 -26.69 9.74 16.09
N ASN B 253 -27.61 8.79 16.28
CA ASN B 253 -27.72 8.02 17.52
C ASN B 253 -27.27 6.59 17.23
N ILE B 254 -26.01 6.29 17.58
CA ILE B 254 -25.49 4.94 17.45
C ILE B 254 -25.12 4.34 18.80
N SER B 255 -25.68 4.88 19.88
CA SER B 255 -25.48 4.28 21.20
C SER B 255 -26.17 2.92 21.26
N MET B 256 -25.43 1.91 21.69
CA MET B 256 -25.92 0.53 21.65
C MET B 256 -26.46 0.09 23.00
N ASN B 257 -27.37 -0.89 22.96
CA ASN B 257 -27.94 -1.52 24.15
C ASN B 257 -27.32 -2.92 24.28
N ILE B 258 -26.49 -3.13 25.32
CA ILE B 258 -25.62 -4.31 25.45
C ILE B 258 -26.22 -5.33 26.40
N GLN B 259 -27.53 -5.32 26.40
CA GLN B 259 -28.44 -6.19 27.13
C GLN B 259 -28.34 -7.65 26.67
N LYS B 260 -28.30 -7.91 25.36
CA LYS B 260 -28.03 -9.24 24.84
C LYS B 260 -26.68 -9.80 25.31
N ILE B 261 -25.65 -8.96 25.34
CA ILE B 261 -24.30 -9.37 25.70
C ILE B 261 -24.11 -9.56 27.19
N GLU B 262 -24.84 -8.83 28.03
CA GLU B 262 -24.70 -9.04 29.47
C GLU B 262 -25.46 -10.28 29.92
N LYS B 263 -26.51 -10.66 29.20
CA LYS B 263 -27.25 -11.88 29.51
C LYS B 263 -26.37 -13.12 29.35
N HIS B 264 -25.34 -13.04 28.50
CA HIS B 264 -24.37 -14.11 28.31
C HIS B 264 -23.12 -13.94 29.16
N GLY B 265 -23.09 -12.95 30.06
CA GLY B 265 -21.97 -12.77 30.95
C GLY B 265 -20.88 -11.83 30.50
N ILE B 266 -21.06 -11.15 29.37
CA ILE B 266 -20.07 -10.22 28.84
C ILE B 266 -20.48 -8.82 29.27
N HIS B 267 -19.58 -8.11 29.97
CA HIS B 267 -19.89 -6.80 30.52
C HIS B 267 -18.87 -5.77 30.05
N PHE B 268 -19.38 -4.58 29.72
CA PHE B 268 -18.57 -3.44 29.31
C PHE B 268 -18.90 -2.23 30.18
N SER B 269 -17.88 -1.47 30.54
CA SER B 269 -18.12 -0.23 31.28
C SER B 269 -18.66 0.82 30.32
N ASN B 270 -19.30 1.85 30.88
CA ASN B 270 -19.78 2.90 30.00
C ASN B 270 -18.62 3.79 29.57
N THR B 271 -18.87 4.60 28.54
CA THR B 271 -17.80 5.32 27.83
C THR B 271 -16.85 6.07 28.77
N VAL B 272 -17.38 6.90 29.67
CA VAL B 272 -16.50 7.71 30.51
C VAL B 272 -15.86 6.91 31.63
N ASP B 273 -16.60 5.99 32.26
CA ASP B 273 -15.97 5.18 33.30
C ASP B 273 -14.85 4.33 32.71
N GLY B 274 -15.10 3.71 31.56
CA GLY B 274 -14.07 2.89 30.94
C GLY B 274 -12.83 3.68 30.60
N PHE B 275 -12.98 4.95 30.23
CA PHE B 275 -11.82 5.79 29.97
C PHE B 275 -11.12 6.14 31.27
N SER B 276 -11.89 6.54 32.27
CA SER B 276 -11.31 6.88 33.57
C SER B 276 -10.60 5.68 34.18
N LYS B 277 -11.16 4.48 33.96
CA LYS B 277 -10.55 3.26 34.47
C LYS B 277 -9.16 3.02 33.86
N MET B 278 -9.07 3.05 32.53
CA MET B 278 -7.82 2.73 31.85
C MET B 278 -6.80 3.86 31.92
N TYR B 279 -7.28 5.11 31.99
CA TYR B 279 -6.35 6.22 32.10
C TYR B 279 -5.57 6.11 33.41
N LYS B 280 -6.24 5.65 34.46
CA LYS B 280 -5.58 5.56 35.76
C LYS B 280 -4.64 4.35 35.84
N SER B 281 -5.04 3.18 35.32
CA SER B 281 -4.24 1.98 35.54
C SER B 281 -2.79 2.22 35.14
N PHE B 282 -2.58 2.76 33.95
CA PHE B 282 -1.32 3.43 33.61
C PHE B 282 -0.87 4.36 34.73
N MET C 2 -8.19 6.59 -32.54
CA MET C 2 -6.88 7.17 -32.32
C MET C 2 -5.84 6.10 -31.98
N LYS C 3 -6.36 4.92 -31.59
CA LYS C 3 -5.64 3.73 -31.13
C LYS C 3 -5.40 3.78 -29.62
N THR C 4 -5.61 2.65 -28.95
CA THR C 4 -5.61 2.54 -27.49
C THR C 4 -4.36 1.79 -26.99
N ILE C 5 -3.77 2.30 -25.92
CA ILE C 5 -2.59 1.70 -25.30
C ILE C 5 -2.86 1.49 -23.82
N LEU C 6 -2.47 0.33 -23.30
CA LEU C 6 -2.54 0.04 -21.88
C LEU C 6 -1.15 0.20 -21.28
N VAL C 7 -1.06 1.01 -20.23
CA VAL C 7 0.19 1.21 -19.49
C VAL C 7 -0.03 0.71 -18.06
N THR C 8 0.76 -0.28 -17.65
CA THR C 8 0.73 -0.77 -16.29
C THR C 8 1.66 0.06 -15.41
N GLY C 9 1.25 0.28 -14.16
CA GLY C 9 2.03 1.08 -13.25
C GLY C 9 2.15 2.53 -13.68
N GLY C 10 1.02 3.14 -14.05
CA GLY C 10 1.02 4.52 -14.49
C GLY C 10 1.44 5.50 -13.41
N SER C 11 1.53 5.06 -12.16
CA SER C 11 1.99 5.89 -11.05
C SER C 11 3.49 5.78 -10.82
N GLY C 12 4.17 4.85 -11.47
CA GLY C 12 5.58 4.66 -11.28
C GLY C 12 6.40 5.71 -11.99
N PHE C 13 7.73 5.60 -11.82
CA PHE C 13 8.66 6.53 -12.44
C PHE C 13 8.42 6.63 -13.94
N LEU C 14 8.50 5.49 -14.64
CA LEU C 14 8.30 5.46 -16.07
C LEU C 14 6.82 5.58 -16.45
N GLY C 15 5.91 5.21 -15.55
CA GLY C 15 4.49 5.25 -15.87
C GLY C 15 3.97 6.66 -16.12
N ARG C 16 4.26 7.58 -15.20
CA ARG C 16 3.80 8.95 -15.35
C ARG C 16 4.35 9.57 -16.62
N ARG C 17 5.64 9.37 -16.88
CA ARG C 17 6.29 9.93 -18.05
C ARG C 17 5.71 9.32 -19.34
N LEU C 18 5.47 8.02 -19.34
CA LEU C 18 4.90 7.37 -20.52
C LEU C 18 3.47 7.84 -20.77
N VAL C 19 2.65 7.88 -19.72
CA VAL C 19 1.24 8.28 -19.87
C VAL C 19 1.12 9.73 -20.35
N SER C 20 1.85 10.65 -19.71
CA SER C 20 1.68 12.06 -20.04
C SER C 20 2.16 12.38 -21.45
N HIS C 21 3.05 11.56 -22.00
CA HIS C 21 3.54 11.73 -23.36
C HIS C 21 2.67 11.01 -24.40
N LEU C 22 2.30 9.76 -24.10
CA LEU C 22 1.48 8.93 -24.98
C LEU C 22 0.01 9.31 -24.98
N SER C 23 -0.46 10.03 -23.96
CA SER C 23 -1.83 10.52 -24.02
C SER C 23 -1.97 11.54 -25.11
N LYS C 24 -0.89 11.91 -25.80
CA LYS C 24 -1.01 12.94 -26.84
C LYS C 24 -1.54 12.42 -28.13
N ASN C 25 -0.94 11.35 -28.69
CA ASN C 25 -1.44 10.85 -29.93
C ASN C 25 -2.17 9.53 -29.75
N TYR C 26 -2.56 9.21 -28.52
CA TYR C 26 -3.23 7.96 -28.21
C TYR C 26 -4.26 8.16 -27.10
N THR C 27 -5.12 7.15 -26.94
CA THR C 27 -5.96 6.99 -25.76
C THR C 27 -5.25 6.03 -24.83
N VAL C 28 -4.71 6.55 -23.74
CA VAL C 28 -3.93 5.75 -22.79
C VAL C 28 -4.84 5.31 -21.66
N VAL C 29 -4.86 4.01 -21.41
CA VAL C 29 -5.58 3.41 -20.30
C VAL C 29 -4.53 2.91 -19.32
N ALA C 30 -4.45 3.55 -18.16
CA ALA C 30 -3.47 3.24 -17.13
C ALA C 30 -4.21 2.70 -15.92
N PRO C 31 -4.56 1.42 -15.92
CA PRO C 31 -5.32 0.86 -14.80
C PRO C 31 -4.57 0.92 -13.48
N THR C 32 -5.34 0.92 -12.40
CA THR C 32 -4.81 0.86 -11.05
C THR C 32 -4.52 -0.58 -10.66
N ASP C 37 -6.12 -5.75 -11.43
CA ASP C 37 -5.42 -6.63 -10.50
C ASP C 37 -4.68 -7.73 -11.24
N LEU C 38 -3.35 -7.72 -11.15
CA LEU C 38 -2.51 -8.64 -11.90
C LEU C 38 -2.35 -10.00 -11.24
N THR C 39 -3.07 -10.25 -10.15
CA THR C 39 -3.05 -11.57 -9.50
C THR C 39 -4.19 -12.49 -9.93
N ASP C 40 -5.18 -11.98 -10.66
CA ASP C 40 -6.32 -12.76 -11.12
C ASP C 40 -6.23 -12.90 -12.64
N ARG C 41 -5.96 -14.11 -13.15
CA ARG C 41 -5.90 -14.30 -14.60
C ARG C 41 -7.20 -13.85 -15.25
N GLU C 42 -8.33 -14.25 -14.69
CA GLU C 42 -9.57 -14.11 -15.43
C GLU C 42 -10.04 -12.65 -15.43
N LYS C 43 -9.69 -11.90 -14.38
CA LYS C 43 -9.94 -10.46 -14.37
C LYS C 43 -9.08 -9.77 -15.43
N ILE C 44 -7.79 -10.11 -15.50
CA ILE C 44 -6.90 -9.58 -16.53
C ILE C 44 -7.39 -9.94 -17.94
N ILE C 45 -7.71 -11.21 -18.18
CA ILE C 45 -8.01 -11.60 -19.57
C ILE C 45 -9.24 -10.84 -20.06
N SER C 46 -10.30 -10.80 -19.26
CA SER C 46 -11.53 -10.11 -19.66
C SER C 46 -11.30 -8.62 -19.83
N GLU C 47 -10.62 -7.99 -18.85
CA GLU C 47 -10.37 -6.55 -18.92
C GLU C 47 -9.54 -6.19 -20.15
N VAL C 48 -8.41 -6.88 -20.37
CA VAL C 48 -7.62 -6.62 -21.57
C VAL C 48 -8.43 -6.91 -22.83
N THR C 49 -9.26 -7.95 -22.78
CA THR C 49 -10.12 -8.23 -23.93
C THR C 49 -11.16 -7.14 -24.09
N LYS C 50 -11.72 -6.68 -22.97
CA LYS C 50 -12.68 -5.57 -23.03
C LYS C 50 -11.99 -4.25 -23.36
N ILE C 51 -10.84 -3.98 -22.75
CA ILE C 51 -10.07 -2.78 -23.12
C ILE C 51 -9.67 -2.84 -24.58
N ASN C 52 -9.22 -4.01 -25.06
CA ASN C 52 -8.73 -4.23 -26.41
C ASN C 52 -7.58 -3.27 -26.77
N PRO C 53 -6.46 -3.30 -26.04
CA PRO C 53 -5.33 -2.45 -26.39
C PRO C 53 -4.57 -2.94 -27.61
N GLN C 54 -4.26 -2.02 -28.53
CA GLN C 54 -3.37 -2.35 -29.63
C GLN C 54 -1.91 -2.44 -29.21
N ILE C 55 -1.52 -1.74 -28.15
CA ILE C 55 -0.17 -1.80 -27.60
C ILE C 55 -0.28 -1.95 -26.09
N ILE C 56 0.57 -2.80 -25.51
CA ILE C 56 0.63 -2.98 -24.06
C ILE C 56 2.07 -2.67 -23.62
N ILE C 57 2.23 -1.64 -22.80
CA ILE C 57 3.51 -1.33 -22.18
C ILE C 57 3.45 -1.76 -20.72
N HIS C 58 4.32 -2.71 -20.36
CA HIS C 58 4.34 -3.31 -19.03
C HIS C 58 5.57 -2.80 -18.27
N THR C 59 5.33 -2.16 -17.13
CA THR C 59 6.44 -1.64 -16.33
C THR C 59 6.90 -2.59 -15.24
N ALA C 60 6.06 -3.54 -14.81
CA ALA C 60 6.41 -4.55 -13.80
C ALA C 60 7.14 -3.90 -12.63
N ALA C 61 6.40 -3.30 -11.70
CA ALA C 61 6.98 -2.49 -10.63
C ALA C 61 7.32 -3.32 -9.40
N ILE C 62 8.62 -3.35 -9.09
CA ILE C 62 9.26 -3.89 -7.90
C ILE C 62 10.18 -2.84 -7.32
N SER C 63 10.86 -2.10 -8.21
CA SER C 63 11.93 -1.17 -7.84
C SER C 63 12.98 -1.86 -6.97
N ASN C 64 13.18 -3.16 -7.21
CA ASN C 64 13.94 -4.06 -6.35
C ASN C 64 13.24 -4.23 -5.01
N THR C 65 12.78 -3.12 -4.43
CA THR C 65 12.18 -3.11 -3.09
C THR C 65 10.92 -3.97 -2.99
N GLY C 66 10.33 -4.37 -4.11
CA GLY C 66 9.17 -5.24 -4.16
C GLY C 66 8.09 -5.00 -3.13
N LEU C 67 7.37 -6.07 -2.79
CA LEU C 67 6.65 -6.14 -1.53
C LEU C 67 7.56 -6.70 -0.43
N CYS C 68 8.88 -6.58 -0.62
CA CYS C 68 9.88 -6.85 0.39
C CYS C 68 9.68 -6.02 1.66
N GLU C 69 8.74 -5.08 1.63
CA GLU C 69 8.35 -4.34 2.84
C GLU C 69 7.76 -5.25 3.91
N GLN C 70 7.39 -6.49 3.56
CA GLN C 70 7.09 -7.51 4.57
C GLN C 70 7.02 -8.92 3.99
N ASN C 71 7.06 -9.06 2.66
CA ASN C 71 6.96 -10.37 2.04
C ASN C 71 8.14 -10.58 1.10
N PRO C 72 8.86 -11.71 1.20
CA PRO C 72 10.14 -11.85 0.49
C PRO C 72 9.99 -12.16 -0.99
N GLU C 73 10.24 -13.42 -1.36
CA GLU C 73 10.19 -13.84 -2.76
C GLU C 73 8.78 -13.93 -3.31
N LEU C 74 7.75 -13.59 -2.51
CA LEU C 74 6.43 -13.37 -3.08
C LEU C 74 6.47 -12.31 -4.18
N SER C 75 7.47 -11.43 -4.14
CA SER C 75 7.62 -10.42 -5.18
C SER C 75 8.05 -11.02 -6.50
N GLU C 76 9.10 -11.85 -6.47
CA GLU C 76 9.60 -12.49 -7.69
C GLU C 76 8.48 -13.22 -8.42
N SER C 77 7.67 -13.98 -7.67
CA SER C 77 6.57 -14.70 -8.28
C SER C 77 5.53 -13.74 -8.85
N ILE C 78 4.95 -12.88 -8.01
CA ILE C 78 3.78 -12.11 -8.41
C ILE C 78 4.09 -11.16 -9.56
N ASN C 79 5.29 -10.55 -9.56
CA ASN C 79 5.68 -9.72 -10.69
C ASN C 79 5.60 -10.49 -12.01
N LEU C 80 6.43 -11.53 -12.17
CA LEU C 80 6.45 -12.23 -13.44
C LEU C 80 5.18 -13.04 -13.61
N ASN C 81 4.48 -13.28 -12.49
CA ASN C 81 3.24 -14.03 -12.58
C ASN C 81 2.20 -13.12 -13.26
N GLY C 82 2.27 -11.82 -12.98
CA GLY C 82 1.52 -10.83 -13.73
C GLY C 82 1.97 -10.74 -15.17
N THR C 83 3.29 -10.86 -15.42
CA THR C 83 3.79 -10.86 -16.80
C THR C 83 3.23 -12.05 -17.56
N LYS C 84 3.25 -13.23 -16.94
CA LYS C 84 2.70 -14.43 -17.58
C LYS C 84 1.22 -14.27 -17.90
N TYR C 85 0.46 -13.70 -16.97
CA TYR C 85 -0.98 -13.56 -17.18
C TYR C 85 -1.28 -12.51 -18.24
N LEU C 86 -0.59 -11.37 -18.14
CA LEU C 86 -0.88 -10.26 -19.05
C LEU C 86 -0.47 -10.57 -20.48
N ALA C 87 0.62 -11.32 -20.68
CA ALA C 87 1.04 -11.73 -22.02
C ALA C 87 -0.03 -12.60 -22.69
N GLU C 88 -0.61 -13.52 -21.90
CA GLU C 88 -1.75 -14.33 -22.30
C GLU C 88 -2.85 -13.50 -22.92
N ALA C 89 -3.20 -12.39 -22.27
CA ALA C 89 -4.23 -11.50 -22.76
C ALA C 89 -3.83 -10.89 -24.09
N ALA C 90 -2.59 -10.41 -24.20
CA ALA C 90 -2.12 -9.87 -25.48
C ALA C 90 -2.16 -10.96 -26.54
N SER C 91 -1.81 -12.19 -26.17
CA SER C 91 -1.87 -13.29 -27.12
C SER C 91 -3.31 -13.62 -27.49
N LYS C 92 -4.27 -13.28 -26.62
CA LYS C 92 -5.66 -13.65 -26.90
C LYS C 92 -6.26 -12.74 -27.97
N ILE C 93 -5.77 -11.51 -28.05
CA ILE C 93 -6.25 -10.49 -28.97
C ILE C 93 -5.20 -10.04 -29.96
N ASN C 94 -4.02 -10.68 -29.97
CA ASN C 94 -2.92 -10.29 -30.84
C ASN C 94 -2.52 -8.83 -30.63
N SER C 95 -2.20 -8.51 -29.37
CA SER C 95 -1.73 -7.19 -29.00
C SER C 95 -0.21 -7.17 -28.94
N LYS C 96 0.36 -5.96 -29.02
CA LYS C 96 1.80 -5.76 -29.02
C LYS C 96 2.25 -5.36 -27.61
N LEU C 97 3.06 -6.19 -26.99
CA LEU C 97 3.50 -5.99 -25.61
C LEU C 97 4.91 -5.43 -25.58
N ILE C 98 5.09 -4.32 -24.87
CA ILE C 98 6.40 -3.72 -24.62
C ILE C 98 6.74 -3.96 -23.15
N PHE C 99 7.67 -4.87 -22.90
CA PHE C 99 8.08 -5.22 -21.55
C PHE C 99 9.37 -4.47 -21.20
N CYS C 100 9.40 -3.87 -20.03
CA CYS C 100 10.58 -3.16 -19.55
C CYS C 100 11.50 -4.13 -18.82
N SER C 101 12.61 -4.49 -19.46
CA SER C 101 13.59 -5.36 -18.83
C SER C 101 14.66 -4.48 -18.20
N SER C 102 15.89 -4.97 -18.10
CA SER C 102 16.93 -4.17 -17.45
C SER C 102 18.30 -4.56 -18.00
N ASP C 103 19.24 -3.61 -17.89
CA ASP C 103 20.64 -3.91 -18.14
C ASP C 103 21.24 -4.76 -17.04
N GLN C 104 20.52 -4.98 -15.95
CA GLN C 104 21.00 -5.81 -14.84
C GLN C 104 21.18 -7.27 -15.23
N ILE C 105 20.72 -7.67 -16.42
CA ILE C 105 20.88 -9.04 -16.86
C ILE C 105 22.35 -9.34 -17.17
N TYR C 106 23.14 -8.30 -17.44
CA TYR C 106 24.52 -8.40 -17.89
C TYR C 106 25.54 -8.42 -16.75
N ASN C 107 25.09 -8.36 -15.50
CA ASN C 107 26.03 -8.20 -14.38
C ASN C 107 26.89 -9.44 -14.14
N GLY C 108 26.57 -10.57 -14.75
CA GLY C 108 27.36 -11.78 -14.60
C GLY C 108 28.30 -12.10 -15.73
N ASN C 109 28.49 -11.20 -16.67
CA ASN C 109 29.46 -11.38 -17.74
C ASN C 109 30.83 -10.86 -17.35
N ALA C 110 31.83 -11.68 -17.64
CA ALA C 110 33.23 -11.31 -17.48
C ALA C 110 33.76 -10.71 -18.76
N GLU C 111 32.92 -10.64 -19.79
CA GLU C 111 33.32 -9.97 -21.01
C GLU C 111 33.34 -8.49 -20.75
N LYS C 112 33.84 -7.75 -21.73
CA LYS C 112 34.40 -6.46 -21.37
C LYS C 112 34.22 -5.56 -22.59
N GLY C 113 33.65 -4.38 -22.37
CA GLY C 113 33.13 -3.56 -23.45
C GLY C 113 31.62 -3.72 -23.54
N PRO C 114 31.00 -3.01 -24.47
CA PRO C 114 29.54 -3.09 -24.65
C PRO C 114 29.06 -4.49 -25.01
N LEU C 115 28.03 -4.95 -24.30
CA LEU C 115 27.50 -6.29 -24.49
C LEU C 115 26.33 -6.27 -25.48
N SER C 116 26.18 -7.36 -26.22
CA SER C 116 25.13 -7.48 -27.21
C SER C 116 23.97 -8.33 -26.69
N GLU C 117 22.83 -8.22 -27.38
CA GLU C 117 21.61 -8.88 -26.91
C GLU C 117 21.68 -10.39 -27.05
N ASP C 118 22.61 -10.91 -27.85
CA ASP C 118 22.72 -12.35 -28.07
C ASP C 118 23.81 -13.00 -27.25
N ILE C 119 24.51 -12.25 -26.40
CA ILE C 119 25.55 -12.82 -25.57
C ILE C 119 24.92 -13.70 -24.49
N ASP C 120 25.65 -14.75 -24.11
CA ASP C 120 25.23 -15.57 -22.97
C ASP C 120 25.34 -14.75 -21.69
N VAL C 121 24.26 -14.72 -20.92
CA VAL C 121 24.14 -13.85 -19.76
C VAL C 121 23.95 -14.70 -18.52
N HIS C 122 24.51 -14.25 -17.41
CA HIS C 122 24.47 -14.98 -16.14
C HIS C 122 24.19 -13.98 -15.02
N PRO C 123 22.95 -13.53 -14.88
CA PRO C 123 22.64 -12.55 -13.83
C PRO C 123 22.99 -13.09 -12.45
N VAL C 124 23.63 -12.25 -11.64
CA VAL C 124 24.12 -12.72 -10.35
C VAL C 124 23.14 -12.49 -9.21
N ASN C 125 22.21 -11.55 -9.35
CA ASN C 125 21.32 -11.14 -8.27
C ASN C 125 19.86 -11.35 -8.66
N VAL C 126 18.98 -11.05 -7.70
CA VAL C 126 17.56 -11.31 -7.86
C VAL C 126 16.99 -10.56 -9.07
N TYR C 127 17.31 -9.26 -9.18
CA TYR C 127 16.69 -8.45 -10.23
C TYR C 127 17.04 -8.97 -11.63
N GLY C 128 18.33 -9.22 -11.87
CA GLY C 128 18.74 -9.74 -13.17
C GLY C 128 18.17 -11.11 -13.46
N LYS C 129 18.18 -12.00 -12.45
CA LYS C 129 17.61 -13.33 -12.64
C LYS C 129 16.12 -13.26 -12.91
N HIS C 130 15.42 -12.31 -12.28
CA HIS C 130 13.98 -12.23 -12.44
C HIS C 130 13.61 -11.63 -13.78
N LYS C 131 14.41 -10.67 -14.25
CA LYS C 131 14.16 -10.05 -15.54
C LYS C 131 14.47 -11.02 -16.69
N LEU C 132 15.59 -11.76 -16.59
CA LEU C 132 16.01 -12.64 -17.69
C LEU C 132 15.01 -13.76 -17.99
N GLU C 133 14.64 -14.55 -16.99
CA GLU C 133 13.35 -15.26 -17.11
C GLU C 133 12.05 -14.48 -17.20
N ALA C 134 11.90 -13.27 -16.70
CA ALA C 134 10.66 -12.63 -17.14
C ALA C 134 10.70 -12.51 -18.65
N GLU C 135 11.89 -12.26 -19.21
CA GLU C 135 12.06 -12.23 -20.66
C GLU C 135 11.75 -13.58 -21.31
N ARG C 136 12.29 -14.68 -20.76
CA ARG C 136 12.18 -15.93 -21.52
C ARG C 136 10.75 -16.44 -21.49
N LYS C 137 10.01 -16.15 -20.41
CA LYS C 137 8.62 -16.54 -20.34
C LYS C 137 7.78 -15.78 -21.36
N LEU C 138 8.14 -14.53 -21.62
CA LEU C 138 7.48 -13.84 -22.70
C LEU C 138 7.79 -14.49 -24.04
N GLN C 139 9.02 -14.91 -24.24
CA GLN C 139 9.38 -15.29 -25.59
C GLN C 139 8.59 -16.49 -26.07
N GLU C 140 8.46 -17.49 -25.21
CA GLU C 140 7.66 -18.64 -25.56
C GLU C 140 6.19 -18.27 -25.64
N ILE C 141 5.69 -17.52 -24.65
CA ILE C 141 4.26 -17.23 -24.60
C ILE C 141 3.87 -16.33 -25.76
N LEU C 142 4.64 -15.27 -25.99
CA LEU C 142 4.31 -14.27 -27.01
C LEU C 142 5.57 -13.93 -27.80
N PRO C 143 5.84 -14.67 -28.88
CA PRO C 143 7.07 -14.40 -29.66
C PRO C 143 7.16 -12.97 -30.18
N THR C 144 6.03 -12.30 -30.37
CA THR C 144 6.03 -10.94 -30.87
C THR C 144 6.37 -9.91 -29.80
N SER C 145 6.41 -10.29 -28.53
CA SER C 145 6.66 -9.34 -27.46
C SER C 145 8.05 -8.73 -27.61
N VAL C 146 8.15 -7.46 -27.23
CA VAL C 146 9.40 -6.70 -27.33
C VAL C 146 9.92 -6.46 -25.91
N SER C 147 11.13 -6.95 -25.65
CA SER C 147 11.78 -6.78 -24.36
C SER C 147 12.81 -5.67 -24.47
N LEU C 148 12.62 -4.61 -23.69
CA LEU C 148 13.53 -3.48 -23.66
C LEU C 148 14.40 -3.60 -22.41
N ARG C 149 15.72 -3.76 -22.62
CA ARG C 149 16.67 -3.84 -21.51
C ARG C 149 17.04 -2.42 -21.10
N LEU C 150 16.38 -1.92 -20.06
CA LEU C 150 16.50 -0.55 -19.57
C LEU C 150 17.71 -0.38 -18.65
N THR C 151 18.10 0.88 -18.44
CA THR C 151 19.22 1.23 -17.57
C THR C 151 18.70 1.83 -16.28
N TRP C 152 19.64 2.33 -15.48
CA TRP C 152 19.30 3.25 -14.41
C TRP C 152 18.93 4.59 -15.03
N MET C 153 17.77 5.12 -14.68
CA MET C 153 17.24 6.30 -15.33
C MET C 153 17.24 7.50 -14.38
N TYR C 154 16.89 8.66 -14.92
CA TYR C 154 16.83 9.89 -14.14
C TYR C 154 16.08 10.96 -14.91
N ASP C 155 15.59 11.94 -14.16
CA ASP C 155 15.10 13.21 -14.68
C ASP C 155 15.97 14.33 -14.13
N HIS C 156 15.61 15.57 -14.45
CA HIS C 156 16.34 16.71 -13.95
C HIS C 156 16.31 16.73 -12.43
N PRO C 157 17.42 17.07 -11.76
CA PRO C 157 17.42 17.19 -10.30
C PRO C 157 16.25 17.99 -9.77
N SER C 158 16.02 19.16 -10.35
CA SER C 158 14.91 20.01 -9.92
C SER C 158 13.76 19.92 -10.90
N SER C 159 13.34 18.70 -11.20
CA SER C 159 12.28 18.50 -12.18
C SER C 159 10.93 18.82 -11.57
N LYS C 160 10.02 19.29 -12.43
CA LYS C 160 8.67 19.65 -11.99
C LYS C 160 7.84 18.42 -11.68
N ILE C 161 8.24 17.26 -12.18
CA ILE C 161 7.54 16.00 -11.97
C ILE C 161 8.23 15.21 -10.86
N PRO C 162 7.48 14.65 -9.90
CA PRO C 162 8.10 13.94 -8.79
C PRO C 162 8.93 12.75 -9.24
N GLN C 163 10.01 12.49 -8.49
CA GLN C 163 10.93 11.40 -8.77
C GLN C 163 11.60 11.00 -7.47
N HIS C 164 12.09 9.77 -7.42
CA HIS C 164 12.78 9.31 -6.21
C HIS C 164 14.25 9.70 -6.23
N LYS C 165 15.08 8.99 -5.47
CA LYS C 165 16.46 9.40 -5.24
C LYS C 165 17.32 8.73 -6.30
N ASN C 166 17.49 9.41 -7.44
CA ASN C 166 18.31 8.88 -8.51
C ASN C 166 19.66 9.58 -8.52
N LEU C 167 20.42 9.41 -9.62
CA LEU C 167 21.80 9.89 -9.65
C LEU C 167 21.89 11.40 -9.57
N PRO C 168 21.35 12.19 -10.50
CA PRO C 168 21.53 13.64 -10.40
C PRO C 168 21.13 14.21 -9.05
N ILE C 169 20.03 13.80 -8.44
CA ILE C 169 19.78 14.36 -7.12
C ILE C 169 20.74 13.78 -6.09
N MET C 170 21.28 12.57 -6.31
CA MET C 170 22.25 12.10 -5.32
C MET C 170 23.51 12.98 -5.27
N LEU C 171 23.96 13.56 -6.40
CA LEU C 171 25.13 14.39 -6.25
C LEU C 171 24.79 15.78 -5.72
N LEU C 172 23.57 16.27 -6.00
CA LEU C 172 23.11 17.48 -5.31
C LEU C 172 23.18 17.28 -3.80
N GLU C 173 22.81 16.10 -3.32
CA GLU C 173 22.78 15.87 -1.89
C GLU C 173 24.17 15.60 -1.32
N ALA C 174 25.16 15.32 -2.18
CA ALA C 174 26.54 15.30 -1.72
C ALA C 174 27.02 16.71 -1.37
N LYS C 175 26.58 17.72 -2.12
CA LYS C 175 27.00 19.08 -1.84
C LYS C 175 26.37 19.61 -0.55
N GLU C 176 25.07 19.34 -0.35
CA GLU C 176 24.39 19.80 0.87
C GLU C 176 25.04 19.20 2.11
N LYS C 177 24.99 17.87 2.21
CA LYS C 177 25.48 17.16 3.39
C LYS C 177 26.99 17.13 3.46
N ASN C 178 27.68 17.48 2.38
CA ASN C 178 29.13 17.39 2.31
C ASN C 178 29.62 15.97 2.56
N VAL C 179 28.83 14.97 2.17
CA VAL C 179 29.23 13.58 2.30
C VAL C 179 29.37 13.04 0.88
N PRO C 180 30.54 12.60 0.47
CA PRO C 180 30.77 12.19 -0.92
C PRO C 180 29.93 11.00 -1.35
N PHE C 181 29.62 10.97 -2.65
CA PHE C 181 28.98 9.81 -3.24
C PHE C 181 30.00 8.76 -3.66
N VAL C 182 29.83 7.54 -3.16
CA VAL C 182 30.76 6.43 -3.41
C VAL C 182 30.29 5.52 -4.53
N THR C 183 31.15 5.44 -5.53
CA THR C 183 31.03 4.56 -6.67
C THR C 183 32.37 3.83 -6.77
N THR C 184 32.68 3.34 -7.96
CA THR C 184 33.90 2.58 -8.16
C THR C 184 34.24 2.56 -9.65
N VAL C 185 35.49 2.21 -9.94
CA VAL C 185 35.90 1.95 -11.32
C VAL C 185 35.62 0.52 -11.72
N ASN C 186 35.07 -0.30 -10.81
CA ASN C 186 34.82 -1.71 -11.09
C ASN C 186 33.39 -2.00 -11.52
N GLU C 187 32.66 -0.99 -12.02
CA GLU C 187 31.39 -1.23 -12.68
C GLU C 187 31.34 -0.35 -13.92
N TYR C 188 30.96 -0.93 -15.04
CA TYR C 188 30.74 -0.20 -16.28
C TYR C 188 29.24 -0.11 -16.50
N ARG C 189 28.68 1.07 -16.26
CA ARG C 189 27.24 1.25 -16.25
C ARG C 189 26.87 2.54 -16.97
N ALA C 190 25.76 2.49 -17.70
CA ALA C 190 25.22 3.65 -18.39
C ALA C 190 23.91 4.05 -17.72
N ILE C 191 23.71 5.35 -17.57
CA ILE C 191 22.46 5.90 -17.07
C ILE C 191 21.84 6.74 -18.17
N THR C 192 20.51 6.73 -18.23
CA THR C 192 19.78 7.36 -19.33
C THR C 192 18.79 8.38 -18.81
N PHE C 193 18.66 9.49 -19.54
CA PHE C 193 17.64 10.47 -19.24
C PHE C 193 16.26 9.92 -19.63
N VAL C 194 15.28 10.14 -18.75
CA VAL C 194 13.95 9.55 -18.94
C VAL C 194 13.30 10.04 -20.23
N GLY C 195 13.60 11.27 -20.64
CA GLY C 195 12.96 11.80 -21.84
C GLY C 195 13.35 11.06 -23.10
N GLU C 196 14.63 10.70 -23.24
CA GLU C 196 15.06 9.93 -24.40
C GLU C 196 14.46 8.53 -24.44
N VAL C 197 14.03 8.01 -23.29
CA VAL C 197 13.39 6.69 -23.25
C VAL C 197 11.91 6.81 -23.55
N VAL C 198 11.28 7.88 -23.07
CA VAL C 198 9.87 8.11 -23.32
C VAL C 198 9.64 8.57 -24.75
N GLU C 199 10.56 9.39 -25.29
CA GLU C 199 10.39 9.93 -26.63
C GLU C 199 10.80 8.97 -27.73
N ASN C 200 11.40 7.82 -27.40
CA ASN C 200 11.69 6.79 -28.38
C ASN C 200 10.77 5.58 -28.25
N ILE C 201 9.80 5.61 -27.33
CA ILE C 201 9.07 4.40 -26.99
C ILE C 201 8.12 3.99 -28.10
N GLU C 202 7.58 4.96 -28.85
CA GLU C 202 6.65 4.63 -29.92
C GLU C 202 7.36 3.86 -31.03
N LYS C 203 8.65 4.14 -31.25
CA LYS C 203 9.38 3.44 -32.30
C LYS C 203 9.46 1.94 -32.01
N THR C 204 9.43 1.56 -30.73
CA THR C 204 9.48 0.15 -30.38
C THR C 204 8.20 -0.58 -30.74
N PHE C 205 7.10 0.15 -31.00
CA PHE C 205 5.83 -0.52 -31.25
C PHE C 205 5.90 -1.38 -32.50
N GLU C 206 6.62 -0.90 -33.52
CA GLU C 206 6.76 -1.60 -34.79
C GLU C 206 7.95 -2.56 -34.81
N LEU C 207 8.70 -2.65 -33.72
CA LEU C 207 9.86 -3.52 -33.68
C LEU C 207 9.42 -4.98 -33.67
N PRO C 208 10.09 -5.84 -34.45
CA PRO C 208 9.81 -7.27 -34.37
C PRO C 208 10.10 -7.77 -32.95
N GLY C 209 9.33 -8.78 -32.55
CA GLY C 209 9.48 -9.38 -31.23
C GLY C 209 10.89 -9.88 -30.99
N GLY C 210 11.40 -9.58 -29.79
CA GLY C 210 12.75 -9.98 -29.44
C GLY C 210 13.21 -9.22 -28.21
N VAL C 211 14.52 -9.19 -28.02
CA VAL C 211 15.13 -8.47 -26.91
C VAL C 211 16.04 -7.41 -27.48
N TYR C 212 15.88 -6.17 -27.00
CA TYR C 212 16.60 -5.03 -27.55
C TYR C 212 17.21 -4.24 -26.40
N ASN C 213 18.51 -3.92 -26.51
CA ASN C 213 19.12 -2.97 -25.61
C ASN C 213 18.53 -1.59 -25.84
N TYR C 214 18.05 -0.96 -24.77
CA TYR C 214 17.23 0.26 -24.88
C TYR C 214 17.66 1.25 -23.80
N GLY C 215 18.68 2.04 -24.10
CA GLY C 215 19.14 3.05 -23.17
C GLY C 215 20.40 3.71 -23.68
N ALA C 216 20.99 4.53 -22.80
CA ALA C 216 22.21 5.23 -23.16
C ALA C 216 23.40 4.26 -23.19
N SER C 217 24.45 4.67 -23.89
CA SER C 217 25.70 3.93 -23.93
C SER C 217 26.72 4.58 -23.00
N ASN C 218 27.78 3.82 -22.69
CA ASN C 218 28.84 4.33 -21.84
C ASN C 218 30.15 3.63 -22.18
N THR C 219 31.18 4.43 -22.47
CA THR C 219 32.50 3.92 -22.78
C THR C 219 33.48 4.07 -21.62
N SER C 220 33.12 4.85 -20.59
CA SER C 220 33.97 5.08 -19.43
C SER C 220 33.39 4.39 -18.20
N ASN C 221 34.22 4.24 -17.18
CA ASN C 221 33.78 3.57 -15.96
C ASN C 221 32.95 4.53 -15.11
N SER C 222 32.34 3.98 -14.05
CA SER C 222 31.41 4.76 -13.25
C SER C 222 32.14 5.84 -12.45
N TYR C 223 33.39 5.59 -12.05
CA TYR C 223 34.15 6.65 -11.42
C TYR C 223 34.34 7.83 -12.37
N GLU C 224 34.80 7.56 -13.60
CA GLU C 224 34.99 8.63 -14.57
C GLU C 224 33.66 9.19 -15.08
N THR C 225 32.68 8.32 -15.34
CA THR C 225 31.37 8.78 -15.80
C THR C 225 30.68 9.63 -14.76
N TYR C 226 30.55 9.13 -13.54
CA TYR C 226 29.87 9.92 -12.52
C TYR C 226 30.69 11.14 -12.14
N LYS C 227 32.01 11.07 -12.32
CA LYS C 227 32.86 12.25 -12.19
C LYS C 227 32.50 13.31 -13.21
N GLU C 228 32.34 12.91 -14.48
CA GLU C 228 32.10 13.89 -15.53
C GLU C 228 30.75 14.59 -15.34
N ILE C 229 29.72 13.86 -14.89
CA ILE C 229 28.48 14.55 -14.58
C ILE C 229 28.65 15.39 -13.32
N ALA C 230 29.52 14.94 -12.40
CA ALA C 230 29.89 15.69 -11.20
C ALA C 230 30.78 16.88 -11.55
N LYS C 231 30.40 17.65 -12.57
CA LYS C 231 31.21 18.78 -12.97
C LYS C 231 30.32 19.72 -13.75
N ILE C 232 29.41 19.15 -14.53
CA ILE C 232 28.44 19.97 -15.23
C ILE C 232 27.54 20.64 -14.19
N MET C 233 27.38 20.01 -13.02
CA MET C 233 26.52 20.46 -11.93
C MET C 233 27.22 21.28 -10.85
N ASP C 234 28.54 21.50 -10.97
CA ASP C 234 29.31 22.27 -9.98
C ASP C 234 29.41 21.50 -8.66
N VAL C 235 29.64 20.20 -8.76
CA VAL C 235 29.99 19.37 -7.61
C VAL C 235 31.50 19.22 -7.59
N PRO C 236 32.16 19.42 -6.45
CA PRO C 236 33.61 19.23 -6.42
C PRO C 236 33.90 17.76 -6.63
N GLU C 237 34.95 17.48 -7.42
CA GLU C 237 35.29 16.12 -7.75
C GLU C 237 35.67 15.29 -6.53
N ASN C 238 36.08 15.94 -5.43
CA ASN C 238 36.40 15.20 -4.23
C ASN C 238 35.17 14.62 -3.55
N LEU C 239 33.97 15.04 -3.95
CA LEU C 239 32.72 14.51 -3.41
C LEU C 239 32.19 13.33 -4.21
N VAL C 240 32.99 12.79 -5.13
CA VAL C 240 32.71 11.52 -5.81
C VAL C 240 33.92 10.64 -5.60
N GLU C 241 33.72 9.49 -4.97
CA GLU C 241 34.83 8.66 -4.50
C GLU C 241 34.99 7.39 -5.31
N ASN C 242 36.24 6.95 -5.38
CA ASN C 242 36.59 5.67 -6.00
C ASN C 242 36.71 4.69 -4.84
N ASP C 243 35.56 4.15 -4.43
CA ASP C 243 35.50 3.11 -3.43
C ASP C 243 35.86 1.83 -4.16
N THR C 244 37.09 1.40 -4.00
CA THR C 244 37.65 0.34 -4.83
C THR C 244 37.03 -0.99 -4.49
N ASN C 245 36.26 -0.93 -3.43
CA ASN C 245 36.03 -2.03 -2.56
C ASN C 245 34.94 -2.93 -3.16
N ARG C 246 34.14 -2.37 -4.10
CA ARG C 246 33.03 -3.08 -4.70
C ARG C 246 33.47 -3.98 -5.82
N PHE C 247 32.64 -5.00 -6.00
CA PHE C 247 32.71 -5.97 -7.06
C PHE C 247 34.06 -6.63 -6.99
N LYS C 248 35.15 -5.85 -7.02
CA LYS C 248 36.52 -6.30 -6.79
C LYS C 248 36.86 -7.68 -7.35
N ALA C 249 36.10 -8.70 -6.95
CA ALA C 249 36.31 -10.06 -7.46
C ALA C 249 36.06 -10.08 -8.97
N GLN C 250 34.86 -9.67 -9.38
CA GLN C 250 34.47 -9.60 -10.78
C GLN C 250 33.91 -8.22 -11.05
N ALA C 251 34.42 -7.55 -12.09
CA ALA C 251 33.87 -6.26 -12.45
C ALA C 251 32.50 -6.46 -13.10
N ARG C 252 31.55 -5.59 -12.77
CA ARG C 252 30.19 -5.67 -13.29
C ARG C 252 30.07 -4.73 -14.48
N ASN C 253 30.07 -5.32 -15.67
CA ASN C 253 30.05 -4.59 -16.94
C ASN C 253 28.65 -4.77 -17.53
N ILE C 254 27.82 -3.75 -17.39
CA ILE C 254 26.48 -3.76 -17.98
C ILE C 254 26.31 -2.67 -19.03
N SER C 255 27.40 -2.18 -19.60
CA SER C 255 27.29 -1.25 -20.73
C SER C 255 26.75 -1.99 -21.94
N MET C 256 25.69 -1.45 -22.55
CA MET C 256 25.01 -2.14 -23.64
C MET C 256 25.47 -1.61 -24.99
N ASN C 257 25.36 -2.48 -26.00
CA ASN C 257 25.64 -2.17 -27.40
C ASN C 257 24.32 -2.11 -28.15
N ILE C 258 23.93 -0.91 -28.59
CA ILE C 258 22.59 -0.71 -29.11
C ILE C 258 22.47 -0.64 -30.64
N GLN C 259 23.30 -1.37 -31.39
CA GLN C 259 23.13 -1.34 -32.85
C GLN C 259 21.84 -2.02 -33.29
N LYS C 260 21.44 -3.10 -32.60
CA LYS C 260 20.17 -3.72 -32.92
C LYS C 260 19.09 -2.66 -32.96
N ILE C 261 19.15 -1.70 -32.05
CA ILE C 261 18.14 -0.65 -32.00
C ILE C 261 18.46 0.42 -33.05
N GLU C 262 19.74 0.54 -33.45
CA GLU C 262 20.20 1.56 -34.41
C GLU C 262 19.78 1.22 -35.84
N LYS C 263 19.73 -0.08 -36.18
CA LYS C 263 19.31 -0.51 -37.50
C LYS C 263 17.83 -0.21 -37.78
N HIS C 264 17.01 -0.08 -36.74
CA HIS C 264 15.62 0.26 -36.91
C HIS C 264 15.34 1.75 -36.79
N GLY C 265 16.37 2.56 -36.54
CA GLY C 265 16.21 4.00 -36.47
C GLY C 265 16.11 4.60 -35.10
N ILE C 266 16.30 3.82 -34.03
CA ILE C 266 16.21 4.32 -32.67
C ILE C 266 17.62 4.65 -32.20
N HIS C 267 17.84 5.89 -31.78
CA HIS C 267 19.16 6.35 -31.38
C HIS C 267 19.11 6.90 -29.96
N PHE C 268 20.12 6.54 -29.18
CA PHE C 268 20.29 7.04 -27.82
C PHE C 268 21.68 7.66 -27.71
N SER C 269 21.75 8.82 -27.06
CA SER C 269 23.05 9.43 -26.81
C SER C 269 23.76 8.73 -25.66
N ASN C 270 25.07 8.92 -25.57
CA ASN C 270 25.80 8.27 -24.48
C ASN C 270 25.55 9.01 -23.18
N THR C 271 25.93 8.35 -22.09
CA THR C 271 25.61 8.83 -20.74
C THR C 271 25.99 10.29 -20.53
N VAL C 272 27.20 10.67 -20.93
CA VAL C 272 27.65 12.03 -20.65
C VAL C 272 26.96 13.01 -21.59
N ASP C 273 26.74 12.63 -22.85
CA ASP C 273 26.05 13.50 -23.79
C ASP C 273 24.60 13.73 -23.39
N GLY C 274 23.89 12.64 -23.07
CA GLY C 274 22.48 12.75 -22.74
C GLY C 274 22.18 13.59 -21.51
N PHE C 275 23.05 13.56 -20.50
CA PHE C 275 22.82 14.38 -19.32
C PHE C 275 23.10 15.84 -19.59
N SER C 276 24.26 16.14 -20.19
CA SER C 276 24.60 17.53 -20.47
C SER C 276 23.61 18.14 -21.45
N LYS C 277 23.11 17.36 -22.40
CA LYS C 277 22.09 17.85 -23.31
C LYS C 277 20.85 18.27 -22.53
N MET C 278 20.41 17.42 -21.60
CA MET C 278 19.20 17.69 -20.84
C MET C 278 19.41 18.78 -19.79
N TYR C 279 20.65 18.93 -19.29
CA TYR C 279 20.90 19.91 -18.25
C TYR C 279 20.74 21.33 -18.77
N LYS C 280 21.36 21.64 -19.90
CA LYS C 280 21.29 22.98 -20.49
C LYS C 280 19.96 23.20 -21.23
N PRO D 1 7.90 27.86 -19.33
CA PRO D 1 7.79 27.60 -20.77
C PRO D 1 6.35 27.29 -21.15
N MET D 2 5.76 26.38 -20.40
CA MET D 2 4.39 25.94 -20.60
C MET D 2 3.79 25.87 -19.22
N LYS D 3 2.61 26.47 -19.06
CA LYS D 3 2.07 26.74 -17.73
C LYS D 3 1.84 25.44 -16.96
N THR D 4 2.07 25.50 -15.66
CA THR D 4 2.16 24.30 -14.83
C THR D 4 0.88 24.15 -14.01
N ILE D 5 0.34 22.92 -13.96
CA ILE D 5 -0.92 22.68 -13.25
C ILE D 5 -0.72 21.54 -12.28
N LEU D 6 -1.24 21.70 -11.07
CA LEU D 6 -1.33 20.62 -10.10
C LEU D 6 -2.77 20.11 -10.08
N VAL D 7 -2.93 18.80 -10.25
CA VAL D 7 -4.25 18.19 -10.20
C VAL D 7 -4.28 17.25 -9.00
N THR D 8 -5.21 17.52 -8.07
CA THR D 8 -5.43 16.64 -6.93
C THR D 8 -6.41 15.54 -7.30
N GLY D 9 -6.18 14.36 -6.75
CA GLY D 9 -7.04 13.23 -7.06
C GLY D 9 -6.97 12.85 -8.52
N GLY D 10 -5.75 12.80 -9.09
CA GLY D 10 -5.57 12.44 -10.47
C GLY D 10 -5.97 11.02 -10.81
N SER D 11 -6.21 10.19 -9.80
CA SER D 11 -6.65 8.82 -9.99
C SER D 11 -8.16 8.68 -9.96
N GLY D 12 -8.88 9.73 -9.57
CA GLY D 12 -10.33 9.69 -9.52
C GLY D 12 -10.96 9.81 -10.88
N PHE D 13 -12.30 9.73 -10.89
CA PHE D 13 -13.06 9.81 -12.14
C PHE D 13 -12.73 11.08 -12.91
N LEU D 14 -12.95 12.24 -12.30
CA LEU D 14 -12.72 13.51 -12.99
C LEU D 14 -11.24 13.83 -13.10
N GLY D 15 -10.43 13.34 -12.17
CA GLY D 15 -9.01 13.63 -12.21
C GLY D 15 -8.35 13.06 -13.45
N ARG D 16 -8.62 11.78 -13.74
CA ARG D 16 -8.04 11.12 -14.90
C ARG D 16 -8.35 11.87 -16.19
N ARG D 17 -9.60 12.30 -16.33
CA ARG D 17 -10.00 12.99 -17.55
C ARG D 17 -9.28 14.32 -17.71
N LEU D 18 -9.14 15.07 -16.61
CA LEU D 18 -8.44 16.36 -16.68
C LEU D 18 -6.96 16.16 -16.94
N VAL D 19 -6.31 15.24 -16.24
CA VAL D 19 -4.87 15.04 -16.40
C VAL D 19 -4.55 14.63 -17.83
N SER D 20 -5.33 13.69 -18.39
CA SER D 20 -5.07 13.24 -19.75
C SER D 20 -5.38 14.31 -20.78
N HIS D 21 -6.28 15.24 -20.45
CA HIS D 21 -6.63 16.32 -21.37
C HIS D 21 -5.70 17.51 -21.22
N LEU D 22 -5.40 17.91 -19.98
CA LEU D 22 -4.54 19.07 -19.77
C LEU D 22 -3.09 18.77 -20.02
N SER D 23 -2.69 17.50 -20.02
CA SER D 23 -1.29 17.19 -20.27
C SER D 23 -0.88 17.51 -21.68
N LYS D 24 -1.75 17.99 -22.54
CA LYS D 24 -1.24 18.05 -23.88
C LYS D 24 -0.54 19.33 -24.21
N ASN D 25 -1.22 20.44 -23.99
CA ASN D 25 -0.67 21.76 -24.18
C ASN D 25 -0.32 22.39 -22.85
N TYR D 26 -0.09 21.56 -21.81
CA TYR D 26 0.28 22.01 -20.49
C TYR D 26 1.25 21.00 -19.87
N THR D 27 1.92 21.39 -18.78
CA THR D 27 2.70 20.46 -17.95
C THR D 27 1.89 20.07 -16.72
N VAL D 28 1.37 18.85 -16.69
CA VAL D 28 0.55 18.39 -15.58
C VAL D 28 1.39 17.55 -14.64
N VAL D 29 1.40 17.95 -13.37
CA VAL D 29 2.05 17.21 -12.29
C VAL D 29 0.93 16.73 -11.37
N ALA D 30 0.69 15.41 -11.37
CA ALA D 30 -0.44 14.81 -10.64
C ALA D 30 0.08 13.89 -9.54
N PRO D 31 0.39 14.43 -8.37
CA PRO D 31 0.87 13.59 -7.27
C PRO D 31 -0.20 12.61 -6.81
N THR D 32 0.25 11.50 -6.25
CA THR D 32 -0.63 10.54 -5.61
C THR D 32 -0.93 11.00 -4.19
N HIS D 33 -1.85 10.30 -3.52
CA HIS D 33 -1.99 10.55 -2.10
C HIS D 33 -0.77 10.11 -1.31
N GLY D 34 0.13 9.34 -1.93
CA GLY D 34 1.43 9.12 -1.34
C GLY D 34 2.33 10.33 -1.47
N GLU D 35 2.39 10.91 -2.67
CA GLU D 35 3.22 12.09 -2.88
C GLU D 35 2.72 13.27 -2.04
N LEU D 36 1.49 13.72 -2.31
CA LEU D 36 0.92 14.91 -1.68
C LEU D 36 -0.17 14.48 -0.71
N ASP D 37 0.16 14.47 0.58
CA ASP D 37 -0.77 14.06 1.63
C ASP D 37 -1.52 15.27 2.14
N LEU D 38 -2.85 15.25 2.00
CA LEU D 38 -3.67 16.41 2.34
C LEU D 38 -3.94 16.51 3.83
N THR D 39 -3.32 15.67 4.65
CA THR D 39 -3.43 15.78 6.09
C THR D 39 -2.29 16.53 6.73
N ASP D 40 -1.22 16.82 6.00
CA ASP D 40 -0.08 17.47 6.61
C ASP D 40 0.03 18.90 6.09
N ARG D 41 -0.24 19.86 6.98
CA ARG D 41 -0.13 21.25 6.63
C ARG D 41 1.17 21.61 5.99
N GLU D 42 2.26 21.12 6.55
CA GLU D 42 3.46 21.87 6.26
C GLU D 42 4.23 21.40 5.08
N LYS D 43 4.11 20.13 4.76
CA LYS D 43 4.65 19.53 3.57
C LYS D 43 3.87 19.93 2.32
N ILE D 44 2.52 20.00 2.41
CA ILE D 44 1.71 20.44 1.26
C ILE D 44 2.23 21.78 0.76
N ILE D 45 2.44 22.70 1.70
CA ILE D 45 2.96 24.01 1.35
C ILE D 45 4.34 23.87 0.72
N SER D 46 5.20 23.03 1.30
CA SER D 46 6.53 22.84 0.74
C SER D 46 6.43 22.36 -0.69
N GLU D 47 5.59 21.37 -0.95
CA GLU D 47 5.39 20.94 -2.32
C GLU D 47 4.79 22.07 -3.14
N VAL D 48 3.58 22.51 -2.78
CA VAL D 48 2.85 23.49 -3.57
C VAL D 48 3.66 24.76 -3.77
N THR D 49 4.49 25.13 -2.79
CA THR D 49 5.32 26.32 -3.00
C THR D 49 6.52 26.05 -3.92
N LYS D 50 7.32 25.00 -3.63
CA LYS D 50 8.51 24.73 -4.44
C LYS D 50 8.18 23.97 -5.72
N ILE D 51 6.96 23.36 -5.79
CA ILE D 51 6.42 22.86 -7.06
C ILE D 51 6.49 23.97 -8.06
N ASN D 52 5.93 25.10 -7.65
CA ASN D 52 5.41 26.29 -8.28
C ASN D 52 4.32 25.99 -9.30
N PRO D 53 3.20 25.35 -8.93
CA PRO D 53 2.10 25.21 -9.90
C PRO D 53 1.41 26.54 -10.07
N GLN D 54 1.25 26.96 -11.32
CA GLN D 54 0.55 28.19 -11.63
C GLN D 54 -0.97 28.04 -11.58
N ILE D 55 -1.50 26.83 -11.75
CA ILE D 55 -2.92 26.56 -11.60
C ILE D 55 -3.06 25.28 -10.79
N ILE D 56 -3.99 25.26 -9.85
CA ILE D 56 -4.29 24.08 -9.04
C ILE D 56 -5.74 23.72 -9.24
N ILE D 57 -5.99 22.54 -9.77
CA ILE D 57 -7.35 22.01 -9.90
C ILE D 57 -7.56 21.00 -8.79
N HIS D 58 -8.51 21.28 -7.91
CA HIS D 58 -8.79 20.44 -6.75
C HIS D 58 -10.08 19.68 -6.99
N THR D 59 -9.99 18.35 -7.02
CA THR D 59 -11.16 17.52 -7.23
C THR D 59 -11.84 17.15 -5.91
N ALA D 60 -11.12 17.27 -4.81
CA ALA D 60 -11.63 17.09 -3.45
C ALA D 60 -12.41 15.79 -3.24
N ALA D 61 -11.70 14.72 -2.93
CA ALA D 61 -12.33 13.42 -2.72
C ALA D 61 -11.74 12.78 -1.47
N GLU D 69 -15.86 5.10 2.65
CA GLU D 69 -14.67 5.44 3.42
C GLU D 69 -14.56 4.54 4.65
N GLN D 70 -14.19 3.29 4.44
CA GLN D 70 -13.74 2.44 5.52
C GLN D 70 -12.29 2.78 5.84
N ASN D 71 -11.83 2.36 7.02
CA ASN D 71 -10.58 2.94 7.51
C ASN D 71 -9.66 1.84 8.07
N PRO D 72 -8.83 2.02 9.19
CA PRO D 72 -7.83 0.98 9.46
C PRO D 72 -8.26 0.01 10.55
N GLU D 73 -9.56 -0.29 10.62
CA GLU D 73 -10.28 -1.04 11.67
C GLU D 73 -10.78 -0.08 12.76
N LEU D 74 -10.45 1.21 12.69
CA LEU D 74 -11.15 2.25 13.42
C LEU D 74 -11.91 3.11 12.41
N SER D 75 -12.38 4.28 12.83
CA SER D 75 -13.32 5.01 11.98
C SER D 75 -13.41 6.47 12.40
N GLU D 76 -14.46 7.13 11.88
CA GLU D 76 -14.82 8.54 12.07
C GLU D 76 -13.77 9.51 11.56
N SER D 77 -14.12 10.22 10.49
CA SER D 77 -13.32 11.32 9.96
C SER D 77 -14.29 12.39 9.47
N ILE D 78 -13.74 13.54 9.09
CA ILE D 78 -14.57 14.67 8.66
C ILE D 78 -14.23 15.03 7.22
N ASN D 79 -12.98 14.81 6.82
CA ASN D 79 -12.57 14.88 5.42
C ASN D 79 -12.60 16.31 4.88
N LEU D 80 -12.71 17.32 5.76
CA LEU D 80 -13.00 18.64 5.23
C LEU D 80 -11.78 19.54 5.08
N ASN D 81 -11.14 19.82 6.20
CA ASN D 81 -10.19 20.90 6.31
C ASN D 81 -9.01 20.73 5.36
N GLY D 82 -8.93 19.59 4.68
CA GLY D 82 -7.86 19.33 3.74
C GLY D 82 -7.82 20.32 2.59
N THR D 83 -8.98 20.78 2.12
CA THR D 83 -8.99 21.81 1.07
C THR D 83 -8.31 23.09 1.53
N LYS D 84 -8.56 23.49 2.78
CA LYS D 84 -7.97 24.72 3.31
C LYS D 84 -6.45 24.70 3.18
N TYR D 85 -5.83 23.55 3.37
CA TYR D 85 -4.38 23.50 3.30
C TYR D 85 -3.86 23.74 1.90
N LEU D 86 -4.49 23.14 0.90
CA LEU D 86 -4.08 23.47 -0.45
C LEU D 86 -4.28 24.97 -0.69
N ALA D 87 -5.34 25.53 -0.12
CA ALA D 87 -5.65 26.95 -0.30
C ALA D 87 -4.65 27.88 0.42
N GLU D 88 -4.32 27.54 1.67
CA GLU D 88 -3.33 28.27 2.44
C GLU D 88 -1.95 28.20 1.76
N ALA D 89 -1.63 27.02 1.27
CA ALA D 89 -0.41 26.80 0.50
C ALA D 89 -0.42 27.54 -0.83
N ALA D 90 -1.53 27.46 -1.57
CA ALA D 90 -1.64 28.15 -2.85
C ALA D 90 -1.44 29.65 -2.71
N SER D 91 -1.88 30.22 -1.58
CA SER D 91 -1.77 31.66 -1.38
C SER D 91 -0.32 32.14 -1.34
N LYS D 92 0.62 31.28 -0.97
CA LYS D 92 2.00 31.72 -0.88
C LYS D 92 2.66 31.90 -2.24
N ILE D 93 2.12 31.29 -3.29
CA ILE D 93 2.65 31.49 -4.63
C ILE D 93 1.67 32.23 -5.53
N ASN D 94 0.53 32.66 -5.00
CA ASN D 94 -0.50 33.34 -5.76
C ASN D 94 -0.91 32.50 -6.98
N SER D 95 -1.30 31.27 -6.69
CA SER D 95 -1.72 30.33 -7.71
C SER D 95 -3.22 30.39 -7.91
N LYS D 96 -3.67 29.89 -9.05
CA LYS D 96 -5.08 29.90 -9.41
C LYS D 96 -5.68 28.55 -9.04
N LEU D 97 -6.61 28.56 -8.09
CA LEU D 97 -7.21 27.33 -7.61
C LEU D 97 -8.58 27.17 -8.26
N ILE D 98 -8.79 26.03 -8.90
CA ILE D 98 -10.08 25.66 -9.45
C ILE D 98 -10.64 24.59 -8.53
N PHE D 99 -11.62 24.97 -7.71
CA PHE D 99 -12.19 24.05 -6.75
C PHE D 99 -13.47 23.45 -7.31
N CYS D 100 -13.58 22.13 -7.23
CA CYS D 100 -14.77 21.43 -7.67
C CYS D 100 -15.76 21.36 -6.52
N SER D 101 -16.83 22.15 -6.62
CA SER D 101 -17.88 22.14 -5.61
C SER D 101 -18.95 21.16 -6.07
N SER D 102 -20.21 21.40 -5.74
CA SER D 102 -21.23 20.43 -6.10
C SER D 102 -22.57 21.12 -6.29
N ASP D 103 -23.43 20.48 -7.07
CA ASP D 103 -24.82 20.89 -7.09
C ASP D 103 -25.54 20.50 -5.80
N GLN D 104 -24.91 19.67 -4.96
CA GLN D 104 -25.49 19.22 -3.70
C GLN D 104 -25.66 20.33 -2.68
N ILE D 105 -25.12 21.52 -2.92
CA ILE D 105 -25.33 22.60 -1.96
C ILE D 105 -26.77 23.06 -1.97
N TYR D 106 -27.48 22.91 -3.09
CA TYR D 106 -28.82 23.45 -3.23
C TYR D 106 -29.92 22.51 -2.73
N ASN D 107 -29.56 21.35 -2.19
CA ASN D 107 -30.57 20.36 -1.85
C ASN D 107 -31.48 20.82 -0.71
N GLY D 108 -31.13 21.87 0.01
CA GLY D 108 -31.94 22.43 1.06
C GLY D 108 -32.73 23.65 0.66
N ASN D 109 -32.80 23.98 -0.62
CA ASN D 109 -33.56 25.12 -1.08
C ASN D 109 -34.99 24.68 -1.35
N ALA D 110 -35.95 25.47 -0.88
CA ALA D 110 -37.36 25.19 -1.08
C ALA D 110 -37.93 25.88 -2.31
N GLU D 111 -37.11 26.66 -3.02
CA GLU D 111 -37.54 27.29 -4.24
C GLU D 111 -37.62 26.28 -5.37
N LYS D 112 -38.11 26.72 -6.51
CA LYS D 112 -38.32 25.87 -7.67
C LYS D 112 -37.64 26.49 -8.89
N GLY D 113 -37.13 25.64 -9.76
CA GLY D 113 -36.48 26.09 -10.96
C GLY D 113 -34.98 26.18 -10.84
N PRO D 114 -34.33 26.57 -11.93
CA PRO D 114 -32.88 26.74 -11.90
C PRO D 114 -32.45 27.80 -10.89
N LEU D 115 -31.53 27.43 -10.01
CA LEU D 115 -31.04 28.31 -8.97
C LEU D 115 -29.74 28.96 -9.42
N SER D 116 -29.51 30.17 -8.94
CA SER D 116 -28.29 30.89 -9.23
C SER D 116 -27.33 30.78 -8.04
N GLU D 117 -26.07 31.10 -8.28
CA GLU D 117 -25.04 30.92 -7.26
C GLU D 117 -25.21 31.87 -6.08
N ASP D 118 -26.03 32.90 -6.20
CA ASP D 118 -26.23 33.89 -5.16
C ASP D 118 -27.47 33.64 -4.31
N ILE D 119 -28.20 32.55 -4.54
CA ILE D 119 -29.36 32.26 -3.72
C ILE D 119 -28.91 31.89 -2.31
N ASP D 120 -29.71 32.26 -1.31
CA ASP D 120 -29.43 31.83 0.05
C ASP D 120 -29.69 30.33 0.13
N VAL D 121 -28.69 29.57 0.54
CA VAL D 121 -28.69 28.13 0.42
C VAL D 121 -28.43 27.45 1.76
N HIS D 122 -29.05 26.28 1.96
CA HIS D 122 -29.01 25.57 3.24
C HIS D 122 -28.77 24.07 3.03
N PRO D 123 -27.52 23.66 2.86
CA PRO D 123 -27.25 22.22 2.64
C PRO D 123 -27.78 21.37 3.78
N VAL D 124 -28.48 20.28 3.43
CA VAL D 124 -29.11 19.40 4.41
C VAL D 124 -28.29 18.15 4.78
N ASN D 125 -27.38 17.71 3.92
CA ASN D 125 -26.67 16.45 4.12
C ASN D 125 -25.16 16.68 4.19
N VAL D 126 -24.40 15.65 4.61
CA VAL D 126 -22.97 15.82 4.85
C VAL D 126 -22.26 16.41 3.63
N TYR D 127 -22.55 15.88 2.45
CA TYR D 127 -21.82 16.26 1.25
C TYR D 127 -22.02 17.74 0.92
N GLY D 128 -23.28 18.18 0.87
CA GLY D 128 -23.54 19.59 0.70
C GLY D 128 -23.02 20.42 1.85
N LYS D 129 -23.15 19.92 3.07
CA LYS D 129 -22.66 20.59 4.28
C LYS D 129 -21.15 20.83 4.24
N HIS D 130 -20.42 19.91 3.60
CA HIS D 130 -18.96 19.88 3.56
C HIS D 130 -18.36 20.74 2.44
N LYS D 131 -18.93 20.67 1.24
CA LYS D 131 -18.47 21.38 0.04
C LYS D 131 -18.83 22.86 0.08
N LEU D 132 -20.03 23.20 0.55
CA LEU D 132 -20.32 24.61 0.79
C LEU D 132 -19.33 25.22 1.77
N GLU D 133 -18.87 24.42 2.75
CA GLU D 133 -17.91 24.93 3.72
C GLU D 133 -16.59 25.25 3.05
N ALA D 134 -16.20 24.44 2.06
CA ALA D 134 -14.99 24.68 1.30
C ALA D 134 -15.07 25.95 0.47
N GLU D 135 -16.24 26.23 -0.10
CA GLU D 135 -16.42 27.47 -0.85
C GLU D 135 -16.17 28.68 0.04
N ARG D 136 -16.72 28.65 1.26
CA ARG D 136 -16.64 29.82 2.14
C ARG D 136 -15.23 29.99 2.71
N LYS D 137 -14.57 28.89 3.07
CA LYS D 137 -13.21 28.97 3.58
C LYS D 137 -12.22 29.37 2.49
N LEU D 138 -12.50 28.97 1.26
CA LEU D 138 -11.64 29.37 0.17
C LEU D 138 -11.64 30.86 0.07
N GLN D 139 -12.68 31.49 0.54
CA GLN D 139 -12.66 32.85 0.07
C GLN D 139 -12.55 33.89 1.13
N GLU D 140 -12.48 33.50 2.41
CA GLU D 140 -11.40 34.04 3.21
C GLU D 140 -10.02 33.98 2.53
N ILE D 141 -9.49 32.77 2.40
CA ILE D 141 -8.04 32.62 2.33
C ILE D 141 -7.50 33.15 1.02
N LEU D 142 -8.13 32.76 -0.09
CA LEU D 142 -7.64 33.08 -1.42
C LEU D 142 -8.85 33.51 -2.25
N PRO D 143 -9.19 34.81 -2.22
CA PRO D 143 -10.36 35.29 -2.95
C PRO D 143 -10.35 34.99 -4.45
N THR D 144 -9.20 34.71 -5.04
CA THR D 144 -9.20 34.46 -6.48
C THR D 144 -9.75 33.08 -6.84
N SER D 145 -9.97 32.21 -5.85
CA SER D 145 -10.38 30.84 -6.13
C SER D 145 -11.70 30.78 -6.89
N VAL D 146 -11.81 29.80 -7.78
CA VAL D 146 -13.00 29.59 -8.60
C VAL D 146 -13.67 28.31 -8.09
N SER D 147 -14.91 28.43 -7.63
CA SER D 147 -15.68 27.29 -7.14
C SER D 147 -16.67 26.88 -8.22
N LEU D 148 -16.51 25.67 -8.73
CA LEU D 148 -17.40 25.12 -9.75
C LEU D 148 -18.38 24.16 -9.11
N ARG D 149 -19.67 24.48 -9.16
CA ARG D 149 -20.69 23.60 -8.62
C ARG D 149 -21.03 22.55 -9.68
N LEU D 150 -20.41 21.38 -9.53
CA LEU D 150 -20.57 20.30 -10.49
C LEU D 150 -21.84 19.51 -10.24
N THR D 151 -22.21 18.71 -11.23
CA THR D 151 -23.35 17.82 -11.15
C THR D 151 -22.87 16.39 -10.96
N TRP D 152 -23.82 15.46 -11.00
CA TRP D 152 -23.48 14.06 -11.15
C TRP D 152 -22.99 13.83 -12.58
N MET D 153 -21.83 13.22 -12.71
CA MET D 153 -21.18 13.09 -14.00
C MET D 153 -21.16 11.63 -14.46
N TYR D 154 -20.70 11.43 -15.69
CA TYR D 154 -20.64 10.08 -16.26
C TYR D 154 -19.76 10.12 -17.51
N ASP D 155 -19.29 8.93 -17.88
CA ASP D 155 -18.63 8.68 -19.15
C ASP D 155 -19.52 7.75 -19.98
N HIS D 156 -19.04 7.35 -21.15
CA HIS D 156 -19.81 6.44 -21.96
C HIS D 156 -20.04 5.14 -21.18
N PRO D 157 -21.26 4.60 -21.19
CA PRO D 157 -21.52 3.31 -20.55
C PRO D 157 -20.48 2.25 -20.85
N SER D 158 -20.12 2.13 -22.12
CA SER D 158 -19.13 1.15 -22.56
C SER D 158 -17.81 1.84 -22.87
N SER D 159 -17.34 2.70 -21.95
CA SER D 159 -16.10 3.42 -22.16
C SER D 159 -14.89 2.57 -21.78
N LYS D 160 -13.78 2.80 -22.49
CA LYS D 160 -12.54 2.10 -22.22
C LYS D 160 -11.82 2.64 -20.99
N ILE D 161 -12.17 3.82 -20.51
CA ILE D 161 -11.52 4.42 -19.36
C ILE D 161 -12.32 4.04 -18.13
N PRO D 162 -11.67 3.56 -17.06
CA PRO D 162 -12.42 3.02 -15.92
C PRO D 162 -13.30 4.04 -15.22
N GLN D 163 -14.48 3.57 -14.83
CA GLN D 163 -15.50 4.27 -14.06
C GLN D 163 -16.39 3.19 -13.49
N HIS D 164 -17.06 3.45 -12.38
CA HIS D 164 -17.97 2.40 -11.95
C HIS D 164 -19.43 2.85 -12.02
N LYS D 165 -20.10 2.94 -10.90
CA LYS D 165 -21.55 3.09 -10.91
C LYS D 165 -21.90 4.55 -11.05
N ASN D 166 -22.09 4.96 -12.29
CA ASN D 166 -22.51 6.32 -12.69
C ASN D 166 -24.01 6.24 -12.67
N LEU D 167 -24.63 7.22 -13.31
CA LEU D 167 -26.01 7.10 -13.74
C LEU D 167 -26.21 6.07 -14.86
N PRO D 168 -25.65 6.24 -16.08
CA PRO D 168 -25.99 5.27 -17.15
C PRO D 168 -25.74 3.83 -16.80
N ILE D 169 -24.67 3.51 -16.07
CA ILE D 169 -24.39 2.11 -15.75
C ILE D 169 -25.44 1.57 -14.79
N MET D 170 -25.93 2.40 -13.87
CA MET D 170 -26.98 1.92 -12.98
C MET D 170 -28.25 1.65 -13.76
N LEU D 171 -28.52 2.44 -14.81
CA LEU D 171 -29.64 2.17 -15.67
C LEU D 171 -29.31 1.05 -16.65
N LEU D 172 -28.05 0.97 -17.08
CA LEU D 172 -27.60 -0.17 -17.87
C LEU D 172 -27.74 -1.47 -17.10
N GLU D 173 -27.30 -1.49 -15.84
CA GLU D 173 -27.32 -2.72 -15.08
C GLU D 173 -28.67 -3.01 -14.43
N ALA D 174 -29.61 -2.09 -14.51
CA ALA D 174 -30.99 -2.42 -14.17
C ALA D 174 -31.56 -3.40 -15.18
N LYS D 175 -31.18 -3.25 -16.46
CA LYS D 175 -31.60 -4.18 -17.51
C LYS D 175 -31.02 -5.55 -17.21
N GLU D 176 -29.90 -5.53 -16.50
CA GLU D 176 -28.99 -6.65 -16.34
C GLU D 176 -29.63 -7.53 -15.30
N LYS D 177 -29.77 -7.00 -14.06
CA LYS D 177 -30.36 -7.72 -12.91
C LYS D 177 -31.90 -7.74 -12.88
N ASN D 178 -32.56 -6.95 -13.73
CA ASN D 178 -34.01 -6.81 -13.73
C ASN D 178 -34.52 -6.24 -12.40
N VAL D 179 -33.74 -5.34 -11.81
CA VAL D 179 -34.10 -4.64 -10.59
C VAL D 179 -34.27 -3.16 -10.92
N PRO D 180 -35.45 -2.58 -10.75
CA PRO D 180 -35.67 -1.19 -11.15
C PRO D 180 -34.79 -0.20 -10.40
N PHE D 181 -34.42 0.87 -11.10
CA PHE D 181 -33.76 2.01 -10.48
C PHE D 181 -34.80 2.94 -9.89
N VAL D 182 -34.65 3.29 -8.62
CA VAL D 182 -35.66 4.01 -7.86
C VAL D 182 -35.34 5.50 -7.93
N THR D 183 -36.29 6.28 -8.43
CA THR D 183 -36.13 7.73 -8.53
C THR D 183 -37.37 8.40 -7.92
N THR D 184 -37.61 9.66 -8.31
CA THR D 184 -38.73 10.42 -7.79
C THR D 184 -39.01 11.61 -8.70
N VAL D 185 -40.23 12.15 -8.58
CA VAL D 185 -40.56 13.43 -9.21
C VAL D 185 -40.24 14.60 -8.29
N ASN D 186 -39.80 14.33 -7.06
CA ASN D 186 -39.44 15.36 -6.10
C ASN D 186 -37.95 15.65 -6.12
N GLU D 187 -37.31 15.40 -7.26
CA GLU D 187 -35.90 15.70 -7.44
C GLU D 187 -35.69 16.41 -8.77
N TYR D 188 -35.08 17.58 -8.73
CA TYR D 188 -34.66 18.31 -9.92
C TYR D 188 -33.14 18.29 -9.92
N ARG D 189 -32.57 17.42 -10.74
CA ARG D 189 -31.14 17.19 -10.74
C ARG D 189 -30.67 17.07 -12.17
N ALA D 190 -29.51 17.65 -12.47
CA ALA D 190 -28.91 17.60 -13.79
C ALA D 190 -27.68 16.71 -13.73
N ILE D 191 -27.48 15.92 -14.77
CA ILE D 191 -26.24 15.14 -14.92
C ILE D 191 -25.55 15.63 -16.18
N THR D 192 -24.23 15.67 -16.14
CA THR D 192 -23.43 16.25 -17.20
C THR D 192 -22.43 15.21 -17.70
N PHE D 193 -22.20 15.18 -19.00
CA PHE D 193 -21.16 14.32 -19.52
C PHE D 193 -19.80 14.89 -19.15
N VAL D 194 -18.90 14.00 -18.73
CA VAL D 194 -17.60 14.44 -18.24
C VAL D 194 -16.83 15.19 -19.32
N GLY D 195 -17.04 14.83 -20.59
CA GLY D 195 -16.29 15.47 -21.67
C GLY D 195 -16.58 16.96 -21.78
N GLU D 196 -17.84 17.36 -21.63
CA GLU D 196 -18.15 18.78 -21.64
C GLU D 196 -17.55 19.52 -20.45
N VAL D 197 -17.21 18.81 -19.38
CA VAL D 197 -16.63 19.42 -18.19
C VAL D 197 -15.11 19.53 -18.29
N VAL D 198 -14.44 18.52 -18.85
CA VAL D 198 -12.99 18.60 -19.01
C VAL D 198 -12.63 19.52 -20.17
N GLU D 199 -13.43 19.53 -21.24
CA GLU D 199 -13.10 20.33 -22.40
C GLU D 199 -13.45 21.80 -22.22
N ASN D 200 -14.14 22.16 -21.14
CA ASN D 200 -14.45 23.54 -20.80
C ASN D 200 -13.62 24.08 -19.65
N ILE D 201 -12.66 23.29 -19.14
CA ILE D 201 -12.00 23.65 -17.89
C ILE D 201 -11.03 24.81 -18.08
N GLU D 202 -10.45 24.97 -19.27
CA GLU D 202 -9.49 26.05 -19.48
C GLU D 202 -10.16 27.42 -19.38
N LYS D 203 -11.42 27.52 -19.83
CA LYS D 203 -12.09 28.81 -19.77
C LYS D 203 -12.27 29.28 -18.35
N THR D 204 -12.41 28.35 -17.39
CA THR D 204 -12.54 28.73 -15.99
C THR D 204 -11.24 29.27 -15.41
N PHE D 205 -10.11 29.01 -16.07
CA PHE D 205 -8.83 29.46 -15.54
C PHE D 205 -8.79 30.98 -15.47
N GLU D 206 -9.40 31.65 -16.44
CA GLU D 206 -9.41 33.10 -16.53
C GLU D 206 -10.60 33.73 -15.81
N LEU D 207 -11.48 32.94 -15.21
CA LEU D 207 -12.64 33.46 -14.51
C LEU D 207 -12.28 34.18 -13.22
N PRO D 208 -12.87 35.35 -12.95
CA PRO D 208 -12.67 36.02 -11.67
C PRO D 208 -13.11 35.15 -10.51
N GLY D 209 -12.46 35.35 -9.36
CA GLY D 209 -12.78 34.58 -8.18
C GLY D 209 -14.24 34.66 -7.78
N GLY D 210 -14.84 33.51 -7.48
CA GLY D 210 -16.24 33.47 -7.12
C GLY D 210 -16.76 32.06 -7.18
N VAL D 211 -18.08 31.95 -7.24
CA VAL D 211 -18.77 30.67 -7.32
C VAL D 211 -19.60 30.63 -8.60
N TYR D 212 -19.46 29.56 -9.37
CA TYR D 212 -20.11 29.44 -10.68
C TYR D 212 -20.79 28.10 -10.80
N ASN D 213 -22.04 28.10 -11.27
CA ASN D 213 -22.68 26.86 -11.69
C ASN D 213 -21.96 26.33 -12.92
N TYR D 214 -21.53 25.07 -12.86
CA TYR D 214 -20.63 24.53 -13.87
C TYR D 214 -21.09 23.12 -14.22
N GLY D 215 -22.07 23.04 -15.11
CA GLY D 215 -22.59 21.77 -15.56
C GLY D 215 -23.80 21.97 -16.43
N ALA D 216 -24.45 20.85 -16.74
CA ALA D 216 -25.64 20.88 -17.58
C ALA D 216 -26.83 21.44 -16.81
N SER D 217 -27.84 21.86 -17.57
CA SER D 217 -29.10 22.29 -17.01
C SER D 217 -30.10 21.15 -17.08
N ASN D 218 -31.20 21.30 -16.35
CA ASN D 218 -32.24 20.28 -16.35
C ASN D 218 -33.56 21.01 -16.14
N THR D 219 -34.47 20.81 -17.08
CA THR D 219 -35.77 21.44 -17.05
C THR D 219 -36.83 20.49 -16.55
N SER D 220 -36.54 19.22 -16.45
CA SER D 220 -37.62 18.29 -16.20
C SER D 220 -37.19 17.41 -15.01
N ASN D 221 -38.15 16.72 -14.38
CA ASN D 221 -37.71 16.08 -13.15
C ASN D 221 -36.97 14.76 -13.41
N SER D 222 -36.42 14.18 -12.35
CA SER D 222 -35.52 13.03 -12.52
C SER D 222 -36.27 11.77 -12.98
N TYR D 223 -37.51 11.57 -12.55
CA TYR D 223 -38.26 10.42 -13.05
C TYR D 223 -38.42 10.51 -14.56
N GLU D 224 -38.91 11.65 -15.04
CA GLU D 224 -39.11 11.86 -16.47
C GLU D 224 -37.77 12.01 -17.19
N THR D 225 -36.79 12.66 -16.54
CA THR D 225 -35.47 12.79 -17.13
C THR D 225 -34.76 11.45 -17.27
N TYR D 226 -34.66 10.69 -16.17
CA TYR D 226 -33.96 9.41 -16.24
C TYR D 226 -34.77 8.39 -17.04
N LYS D 227 -36.09 8.59 -17.10
CA LYS D 227 -36.93 7.81 -18.00
C LYS D 227 -36.50 8.02 -19.44
N GLU D 228 -36.31 9.29 -19.84
CA GLU D 228 -35.94 9.55 -21.22
C GLU D 228 -34.54 9.04 -21.53
N ILE D 229 -33.59 9.20 -20.60
CA ILE D 229 -32.26 8.67 -20.86
C ILE D 229 -32.30 7.16 -20.86
N ALA D 230 -33.24 6.59 -20.13
CA ALA D 230 -33.43 5.16 -20.23
C ALA D 230 -33.98 4.79 -21.60
N LYS D 231 -34.64 5.74 -22.27
CA LYS D 231 -35.20 5.46 -23.59
C LYS D 231 -34.11 5.34 -24.66
N ILE D 232 -33.09 6.21 -24.59
CA ILE D 232 -32.01 6.22 -25.56
C ILE D 232 -31.14 4.96 -25.47
N MET D 233 -31.01 4.37 -24.29
CA MET D 233 -30.15 3.21 -24.11
C MET D 233 -30.87 1.88 -24.30
N ASP D 234 -32.18 1.91 -24.59
CA ASP D 234 -32.98 0.72 -24.88
C ASP D 234 -33.24 -0.14 -23.64
N VAL D 235 -33.50 0.50 -22.51
CA VAL D 235 -34.06 -0.17 -21.34
C VAL D 235 -35.54 0.18 -21.34
N PRO D 236 -36.42 -0.74 -20.91
CA PRO D 236 -37.89 -0.54 -21.03
C PRO D 236 -38.36 0.69 -20.25
N GLU D 237 -39.60 1.17 -20.41
CA GLU D 237 -39.82 2.32 -19.51
C GLU D 237 -40.00 1.92 -18.06
N ASN D 238 -40.39 0.69 -17.74
CA ASN D 238 -40.24 0.32 -16.34
C ASN D 238 -38.74 0.26 -16.04
N LEU D 239 -38.30 -0.52 -15.02
CA LEU D 239 -36.87 -0.57 -14.70
C LEU D 239 -36.43 0.78 -14.17
N VAL D 240 -37.38 1.73 -14.08
CA VAL D 240 -37.32 3.08 -13.49
C VAL D 240 -38.71 3.34 -12.94
N GLU D 241 -38.83 3.50 -11.63
CA GLU D 241 -40.06 3.92 -10.96
C GLU D 241 -39.88 5.20 -10.16
N ASN D 242 -41.02 5.88 -10.05
CA ASN D 242 -41.24 7.17 -9.37
C ASN D 242 -41.66 6.92 -7.92
N ASP D 243 -40.68 6.90 -7.03
CA ASP D 243 -40.94 6.76 -5.60
C ASP D 243 -41.34 8.14 -5.09
N THR D 244 -42.65 8.35 -4.94
CA THR D 244 -43.13 9.64 -4.47
C THR D 244 -42.90 9.80 -2.97
N ASN D 245 -42.45 8.75 -2.29
CA ASN D 245 -42.13 8.85 -0.87
C ASN D 245 -40.77 9.48 -0.65
N ARG D 246 -39.91 9.47 -1.68
CA ARG D 246 -38.62 10.10 -1.58
C ARG D 246 -38.81 11.61 -1.71
N PHE D 247 -38.14 12.37 -0.84
CA PHE D 247 -38.24 13.83 -0.81
C PHE D 247 -39.70 14.25 -0.60
N LYS D 248 -40.39 13.50 0.27
CA LYS D 248 -41.79 13.75 0.58
C LYS D 248 -42.02 15.18 1.09
N ALA D 249 -41.32 15.57 2.16
CA ALA D 249 -41.50 16.89 2.75
C ALA D 249 -41.06 18.00 1.79
N GLN D 250 -39.80 17.98 1.39
CA GLN D 250 -39.23 18.99 0.52
C GLN D 250 -38.59 18.33 -0.68
N ALA D 251 -38.93 18.82 -1.87
CA ALA D 251 -38.31 18.33 -3.08
C ALA D 251 -36.87 18.80 -3.17
N ARG D 252 -36.01 17.95 -3.72
CA ARG D 252 -34.60 18.28 -3.84
C ARG D 252 -34.41 18.89 -5.22
N ASN D 253 -34.36 20.21 -5.27
CA ASN D 253 -34.25 20.95 -6.52
C ASN D 253 -32.83 21.51 -6.54
N ILE D 254 -31.95 20.81 -7.26
CA ILE D 254 -30.58 21.26 -7.45
C ILE D 254 -30.35 21.59 -8.92
N SER D 255 -31.44 21.89 -9.63
CA SER D 255 -31.35 22.39 -11.00
C SER D 255 -30.70 23.75 -10.98
N MET D 256 -29.64 23.91 -11.76
CA MET D 256 -28.83 25.11 -11.71
C MET D 256 -29.17 26.06 -12.85
N ASN D 257 -28.93 27.34 -12.60
CA ASN D 257 -29.07 28.40 -13.59
C ASN D 257 -27.66 28.82 -14.01
N ILE D 258 -27.27 28.45 -15.23
CA ILE D 258 -25.89 28.64 -15.67
C ILE D 258 -25.79 29.87 -16.55
N GLN D 259 -26.63 30.87 -16.28
CA GLN D 259 -26.54 32.12 -17.05
C GLN D 259 -25.25 32.85 -16.73
N LYS D 260 -24.85 32.84 -15.46
CA LYS D 260 -23.57 33.42 -15.06
C LYS D 260 -22.40 32.84 -15.85
N ILE D 261 -22.42 31.53 -16.08
CA ILE D 261 -21.28 30.89 -16.74
C ILE D 261 -21.35 31.15 -18.25
N GLU D 262 -22.55 31.38 -18.79
CA GLU D 262 -22.74 31.61 -20.21
C GLU D 262 -22.37 33.02 -20.65
N LYS D 263 -22.53 34.01 -19.76
CA LYS D 263 -22.09 35.36 -20.10
C LYS D 263 -20.59 35.41 -20.31
N HIS D 264 -19.87 34.41 -19.82
CA HIS D 264 -18.46 34.26 -20.15
C HIS D 264 -18.41 33.38 -21.40
N GLY D 265 -17.42 32.52 -21.55
CA GLY D 265 -17.36 31.68 -22.73
C GLY D 265 -17.75 30.22 -22.57
N ILE D 266 -18.26 29.82 -21.41
CA ILE D 266 -18.58 28.42 -21.12
C ILE D 266 -20.06 28.14 -21.35
N HIS D 267 -20.34 27.15 -22.19
CA HIS D 267 -21.69 26.72 -22.51
C HIS D 267 -21.81 25.23 -22.22
N PHE D 268 -22.92 24.83 -21.62
CA PHE D 268 -23.23 23.43 -21.38
C PHE D 268 -24.59 23.12 -21.98
N SER D 269 -24.69 21.96 -22.60
CA SER D 269 -25.98 21.51 -23.13
C SER D 269 -26.86 21.03 -21.98
N ASN D 270 -28.15 20.92 -22.25
CA ASN D 270 -29.02 20.43 -21.19
C ASN D 270 -28.81 18.94 -20.99
N THR D 271 -29.30 18.45 -19.85
CA THR D 271 -29.01 17.08 -19.42
C THR D 271 -29.27 16.07 -20.53
N VAL D 272 -30.43 16.16 -21.17
CA VAL D 272 -30.81 15.16 -22.15
C VAL D 272 -30.06 15.33 -23.47
N ASP D 273 -29.86 16.59 -23.90
CA ASP D 273 -29.16 16.83 -25.16
C ASP D 273 -27.71 16.34 -25.10
N GLY D 274 -27.03 16.63 -23.99
CA GLY D 274 -25.64 16.21 -23.84
C GLY D 274 -25.47 14.71 -23.86
N PHE D 275 -26.49 13.99 -23.41
CA PHE D 275 -26.41 12.55 -23.42
C PHE D 275 -26.39 12.01 -24.86
N SER D 276 -27.28 12.48 -25.76
CA SER D 276 -27.20 11.95 -27.13
C SER D 276 -25.92 12.39 -27.85
N LYS D 277 -25.47 13.61 -27.60
CA LYS D 277 -24.30 14.11 -28.33
C LYS D 277 -23.14 13.16 -28.13
N MET D 278 -23.03 12.72 -26.86
CA MET D 278 -22.03 11.83 -26.34
C MET D 278 -22.27 10.45 -26.87
N TYR D 279 -23.54 9.99 -26.84
CA TYR D 279 -23.91 8.65 -27.30
C TYR D 279 -23.92 8.53 -28.82
N LYS D 280 -24.51 9.50 -29.54
CA LYS D 280 -24.58 9.45 -30.99
C LYS D 280 -23.20 9.70 -31.60
N SER D 281 -22.19 9.08 -31.00
CA SER D 281 -20.81 9.19 -31.42
C SER D 281 -19.99 8.01 -30.88
#